data_2R72
#
_entry.id   2R72
#
_cell.length_a   122.838
_cell.length_b   122.838
_cell.length_c   354.255
_cell.angle_alpha   90.000
_cell.angle_beta   90.000
_cell.angle_gamma   120.000
#
_symmetry.space_group_name_H-M   'P 61 2 2'
#
loop_
_entity.id
_entity.type
_entity.pdbx_description
1 polymer 'INFECTIOUS BURSAL DISEASE VIRUS VP1 POLYMERASE'
2 non-polymer 'MAGNESIUM ION'
3 water water
#
_entity_poly.entity_id   1
_entity_poly.type   'polypeptide(L)'
_entity_poly.pdbx_seq_one_letter_code
;GSRSTVSMSDVFNSPQARSTISAAFGIKPTAGQDVEELLIPKVWVPPEDPLASPSRLAKFLRENGYKVLQPRSLPENEEY
ETDQILPDLAWMRQIEGAVLKPTLSLPIGDQEYFPKYYPTHRPSKEKPNAYPPDIALLKQMIYLFLQVPEANEGLKDEVT
LLTQNIRDKAYGSGTYMGQANRLVAMKEVATGRNPNKDPLKLGYTFESIAQLLDITLPVGPPGEDDKPWVPLTRVPSRML
VLTGDVDGDFEVEDYLPKINLKSSSGLPYVGRTKGETIGEMIAISNQFLRELSTLLKQGAGTKGSNKKKLLSMLSDYWYL
SCGLLFPKAERYDKSTWLTKTRNIWSAPSPTHLMISMITWPVMSNSPNNVLNIEGCPSLYKFNPFRGGLNRIVEWILAPE
EPKALVYADNIYIVHSNTWYSIDLEKGEANCTRQHMQAAMYYILTRGWSDNGDPMFNQTWATFAMNIAPALVVDSSCLIM
NLQIKTYGQGSGNAATFINNHLLSTLVLDQWNLMRQPRPDSEEFKSIEDKLGINFKIERSIDDIRGKLRQLVLLAQPGYL
SGGVEPEQSSPTVELDLLGWSATYSKDLGIYVPVLDKERLFCSAAYPKGVENKSLKSKVGIEQAYKVVRYEALRLVGGWN
YPLLNKACKNNAGAARRHLEAKGFPLDEFLAEWSELSEFGEAFEGFNIKLTVTSESLAELNKPVPPKPPNVNRPVNTGGL
KAVSNALKTGRYRNEAGLSGLVLLATARSRLQDAVKAKAEAEKLHKSKPDDPDADWFERSETLSDLLEKADIASKVAHSA
LVETSDALEAVQSTSVYTPKYPEVKNPQTASNPVVGLHLPAKRATGVQAALL
;
_entity_poly.pdbx_strand_id   A
#
loop_
_chem_comp.id
_chem_comp.type
_chem_comp.name
_chem_comp.formula
MG non-polymer 'MAGNESIUM ION' 'Mg 2'
#
# COMPACT_ATOMS: atom_id res chain seq x y z
N ASP A 34 -31.32 30.45 21.40
CA ASP A 34 -29.87 30.17 21.19
C ASP A 34 -29.61 28.70 20.85
N VAL A 35 -28.33 28.32 20.76
CA VAL A 35 -27.93 26.93 20.47
C VAL A 35 -27.82 26.09 21.75
N GLU A 36 -27.81 24.77 21.58
CA GLU A 36 -27.85 23.83 22.71
C GLU A 36 -26.47 23.54 23.33
N GLU A 37 -25.52 23.12 22.50
CA GLU A 37 -24.16 22.72 22.91
C GLU A 37 -24.04 22.03 24.29
N LEU A 38 -23.84 20.72 24.24
CA LEU A 38 -23.75 19.88 25.44
C LEU A 38 -22.29 19.51 25.71
N LEU A 39 -22.01 19.09 26.95
CA LEU A 39 -20.69 18.61 27.33
C LEU A 39 -20.36 17.32 26.61
N ILE A 40 -21.33 16.42 26.55
CA ILE A 40 -21.22 15.14 25.85
C ILE A 40 -22.26 15.15 24.72
N PRO A 41 -21.79 15.11 23.45
CA PRO A 41 -22.71 15.26 22.32
C PRO A 41 -23.70 14.11 22.23
N LYS A 42 -24.95 14.43 21.91
CA LYS A 42 -26.01 13.42 21.79
C LYS A 42 -25.69 12.47 20.65
N VAL A 43 -26.08 11.20 20.81
CA VAL A 43 -25.79 10.14 19.83
C VAL A 43 -26.10 10.61 18.40
N TRP A 44 -25.11 10.57 17.53
CA TRP A 44 -25.28 11.02 16.16
C TRP A 44 -26.08 10.02 15.32
N VAL A 45 -27.02 10.54 14.55
CA VAL A 45 -27.77 9.73 13.61
C VAL A 45 -27.36 10.16 12.19
N PRO A 46 -26.62 9.29 11.48
CA PRO A 46 -26.19 9.54 10.11
C PRO A 46 -27.36 9.84 9.19
N PRO A 47 -27.12 10.62 8.12
CA PRO A 47 -28.18 10.90 7.16
C PRO A 47 -28.53 9.65 6.35
N GLU A 48 -29.72 9.64 5.76
CA GLU A 48 -30.10 8.58 4.83
C GLU A 48 -29.15 8.59 3.65
N ASP A 49 -28.73 7.40 3.24
CA ASP A 49 -27.87 7.23 2.08
C ASP A 49 -28.74 7.39 0.83
N PRO A 50 -28.56 8.50 0.08
CA PRO A 50 -29.43 8.76 -1.06
C PRO A 50 -29.09 7.95 -2.31
N LEU A 51 -28.04 7.13 -2.25
CA LEU A 51 -27.66 6.27 -3.36
C LEU A 51 -27.64 4.78 -3.00
N ALA A 52 -28.64 4.34 -2.25
CA ALA A 52 -28.71 2.96 -1.79
C ALA A 52 -29.37 2.00 -2.78
N SER A 53 -29.60 2.46 -4.00
CA SER A 53 -30.20 1.64 -5.06
C SER A 53 -29.32 1.56 -6.30
N PRO A 54 -29.30 0.40 -6.99
CA PRO A 54 -28.57 0.31 -8.24
C PRO A 54 -29.11 1.34 -9.22
N SER A 55 -30.44 1.43 -9.31
CA SER A 55 -31.12 2.40 -10.15
C SER A 55 -30.60 3.81 -9.92
N ARG A 56 -30.52 4.21 -8.65
CA ARG A 56 -30.04 5.54 -8.27
C ARG A 56 -28.54 5.71 -8.56
N LEU A 57 -27.74 4.73 -8.17
CA LEU A 57 -26.31 4.78 -8.38
C LEU A 57 -25.97 4.88 -9.87
N ALA A 58 -26.59 4.02 -10.68
CA ALA A 58 -26.38 4.04 -12.13
C ALA A 58 -26.65 5.43 -12.70
N LYS A 59 -27.69 6.08 -12.17
CA LYS A 59 -28.06 7.42 -12.61
C LYS A 59 -26.96 8.41 -12.32
N PHE A 60 -26.43 8.34 -11.10
CA PHE A 60 -25.38 9.26 -10.63
C PHE A 60 -24.12 9.15 -11.47
N LEU A 61 -23.65 7.92 -11.67
CA LEU A 61 -22.47 7.66 -12.48
C LEU A 61 -22.63 8.17 -13.90
N ARG A 62 -23.73 7.81 -14.54
CA ARG A 62 -24.00 8.25 -15.91
C ARG A 62 -24.09 9.77 -16.02
N GLU A 63 -24.67 10.38 -14.99
CA GLU A 63 -24.87 11.83 -14.94
C GLU A 63 -23.56 12.59 -14.90
N ASN A 64 -22.54 11.97 -14.32
CA ASN A 64 -21.21 12.57 -14.22
C ASN A 64 -20.25 12.11 -15.31
N GLY A 65 -20.77 11.39 -16.30
CA GLY A 65 -19.95 10.84 -17.38
C GLY A 65 -19.00 9.74 -16.95
N TYR A 66 -19.21 9.20 -15.75
CA TYR A 66 -18.48 8.03 -15.27
C TYR A 66 -18.92 6.80 -16.07
N LYS A 67 -17.96 6.02 -16.56
CA LYS A 67 -18.29 4.93 -17.48
C LYS A 67 -18.82 3.69 -16.76
N VAL A 68 -19.99 3.23 -17.20
CA VAL A 68 -20.57 1.97 -16.75
C VAL A 68 -20.39 0.94 -17.85
N LEU A 69 -19.79 -0.19 -17.51
CA LEU A 69 -19.42 -1.22 -18.47
C LEU A 69 -20.58 -2.14 -18.83
N GLN A 70 -20.45 -2.79 -19.98
CA GLN A 70 -21.33 -3.88 -20.39
C GLN A 70 -21.14 -5.05 -19.43
N PRO A 71 -22.22 -5.42 -18.70
CA PRO A 71 -22.14 -6.46 -17.68
C PRO A 71 -21.64 -7.81 -18.20
N ARG A 72 -20.53 -8.27 -17.61
CA ARG A 72 -19.97 -9.59 -17.90
C ARG A 72 -20.56 -10.60 -16.91
N SER A 73 -20.59 -11.86 -17.32
CA SER A 73 -21.07 -12.94 -16.44
C SER A 73 -20.00 -14.02 -16.31
N LEU A 74 -20.09 -14.79 -15.23
CA LEU A 74 -19.11 -15.85 -14.97
C LEU A 74 -19.80 -17.11 -14.45
N PRO A 75 -19.26 -18.30 -14.80
CA PRO A 75 -19.86 -19.59 -14.46
C PRO A 75 -20.15 -19.76 -12.97
N GLU A 76 -21.19 -20.52 -12.64
CA GLU A 76 -21.50 -20.82 -11.25
C GLU A 76 -20.46 -21.74 -10.63
N ASN A 77 -20.12 -21.48 -9.38
CA ASN A 77 -19.14 -22.27 -8.65
C ASN A 77 -19.71 -23.66 -8.32
N GLU A 78 -18.90 -24.69 -8.56
CA GLU A 78 -19.32 -26.07 -8.35
C GLU A 78 -18.23 -26.92 -7.70
N GLU A 79 -18.66 -27.93 -6.95
CA GLU A 79 -17.74 -28.79 -6.19
C GLU A 79 -16.90 -29.68 -7.10
N TYR A 80 -15.66 -29.93 -6.67
CA TYR A 80 -14.74 -30.81 -7.38
C TYR A 80 -13.68 -31.35 -6.41
N GLU A 81 -13.40 -32.66 -6.49
CA GLU A 81 -12.40 -33.30 -5.63
C GLU A 81 -11.03 -32.63 -5.74
N THR A 82 -10.47 -32.26 -4.59
CA THR A 82 -9.18 -31.55 -4.54
C THR A 82 -8.03 -32.42 -5.08
N ASP A 83 -8.11 -33.73 -4.83
CA ASP A 83 -7.18 -34.70 -5.39
C ASP A 83 -7.06 -34.62 -6.91
N GLN A 84 -8.15 -34.21 -7.56
CA GLN A 84 -8.21 -34.15 -9.02
C GLN A 84 -7.63 -32.86 -9.58
N ILE A 85 -7.90 -31.73 -8.92
CA ILE A 85 -7.44 -30.43 -9.40
C ILE A 85 -5.99 -30.18 -8.98
N LEU A 86 -5.65 -30.56 -7.77
CA LEU A 86 -4.29 -30.43 -7.26
C LEU A 86 -3.77 -31.77 -6.77
N PRO A 87 -3.32 -32.65 -7.70
CA PRO A 87 -2.81 -33.95 -7.28
C PRO A 87 -1.47 -33.82 -6.53
N ASP A 88 -0.66 -32.86 -6.92
CA ASP A 88 0.67 -32.66 -6.34
C ASP A 88 0.65 -32.20 -4.87
N LEU A 89 -0.47 -31.62 -4.43
CA LEU A 89 -0.64 -31.18 -3.04
C LEU A 89 -1.48 -32.15 -2.21
N ALA A 90 -1.45 -33.43 -2.57
CA ALA A 90 -2.21 -34.47 -1.86
C ALA A 90 -1.58 -34.84 -0.52
N TRP A 91 -0.25 -34.73 -0.45
CA TRP A 91 0.53 -35.09 0.74
C TRP A 91 0.20 -34.26 1.99
N MET A 92 -0.85 -33.43 1.91
CA MET A 92 -1.38 -32.72 3.07
C MET A 92 -2.15 -33.69 3.98
N ARG A 93 -1.65 -34.92 4.09
CA ARG A 93 -2.31 -36.01 4.84
C ARG A 93 -1.99 -36.02 6.35
N GLN A 94 -1.29 -34.98 6.81
CA GLN A 94 -0.94 -34.85 8.24
C GLN A 94 -1.31 -33.47 8.77
N ILE A 95 -1.76 -33.44 10.04
CA ILE A 95 -2.15 -32.20 10.75
C ILE A 95 -3.42 -31.53 10.19
N LEU A 100 -6.71 -28.97 4.29
CA LEU A 100 -6.76 -28.93 2.82
C LEU A 100 -8.15 -28.59 2.29
N LYS A 101 -9.18 -29.25 2.84
CA LYS A 101 -10.56 -29.24 2.33
C LYS A 101 -10.73 -30.30 1.25
N PRO A 102 -11.63 -31.27 1.46
CA PRO A 102 -11.80 -32.45 0.59
C PRO A 102 -12.16 -32.11 -0.86
N THR A 103 -13.02 -31.11 -1.05
CA THR A 103 -13.43 -30.67 -2.37
C THR A 103 -13.23 -29.17 -2.54
N LEU A 104 -13.19 -28.70 -3.78
CA LEU A 104 -13.02 -27.29 -4.10
C LEU A 104 -14.20 -26.73 -4.90
N SER A 105 -14.48 -25.44 -4.70
CA SER A 105 -15.55 -24.76 -5.41
C SER A 105 -14.96 -23.89 -6.53
N LEU A 106 -15.12 -24.35 -7.77
CA LEU A 106 -14.52 -23.68 -8.93
C LEU A 106 -15.55 -23.16 -9.92
N PRO A 107 -15.24 -22.04 -10.61
CA PRO A 107 -16.14 -21.50 -11.62
C PRO A 107 -16.11 -22.33 -12.90
N ILE A 108 -16.76 -23.49 -12.88
CA ILE A 108 -16.75 -24.42 -14.00
C ILE A 108 -18.15 -24.81 -14.49
N GLY A 109 -19.09 -24.92 -13.55
CA GLY A 109 -20.46 -25.32 -13.87
C GLY A 109 -21.14 -24.38 -14.84
N ASP A 110 -21.96 -24.92 -15.72
CA ASP A 110 -22.68 -24.11 -16.70
C ASP A 110 -23.84 -23.36 -16.05
N GLN A 111 -24.42 -22.41 -16.79
CA GLN A 111 -25.31 -21.38 -16.25
C GLN A 111 -24.45 -20.26 -15.67
N GLU A 112 -24.48 -19.13 -16.35
CA GLU A 112 -23.73 -17.95 -15.94
C GLU A 112 -24.55 -17.17 -14.92
N TYR A 113 -23.87 -16.39 -14.09
CA TYR A 113 -24.53 -15.44 -13.19
C TYR A 113 -23.78 -14.12 -13.20
N PHE A 114 -24.48 -13.05 -12.85
CA PHE A 114 -23.87 -11.75 -12.72
C PHE A 114 -23.53 -11.53 -11.25
N PRO A 115 -22.29 -11.13 -10.96
CA PRO A 115 -21.82 -11.01 -9.58
C PRO A 115 -22.44 -9.81 -8.89
N LYS A 116 -22.63 -9.94 -7.57
CA LYS A 116 -23.25 -8.90 -6.75
C LYS A 116 -22.41 -8.61 -5.51
N TYR A 117 -22.20 -7.34 -5.22
CA TYR A 117 -21.50 -6.93 -4.00
C TYR A 117 -22.25 -5.81 -3.27
N TYR A 118 -22.90 -6.16 -2.18
CA TYR A 118 -23.65 -5.19 -1.38
C TYR A 118 -23.07 -5.07 0.02
N PRO A 119 -22.01 -4.27 0.17
CA PRO A 119 -21.34 -4.18 1.47
C PRO A 119 -22.21 -3.45 2.49
N THR A 120 -22.07 -3.79 3.76
CA THR A 120 -22.83 -3.15 4.81
C THR A 120 -22.13 -1.86 5.24
N HIS A 121 -22.89 -0.78 5.32
CA HIS A 121 -22.36 0.48 5.82
C HIS A 121 -22.76 0.69 7.27
N ARG A 122 -21.77 0.97 8.10
CA ARG A 122 -21.96 1.22 9.52
C ARG A 122 -21.14 2.43 9.94
N PRO A 123 -21.72 3.32 10.77
CA PRO A 123 -23.11 3.32 11.21
C PRO A 123 -24.05 3.74 10.08
N SER A 124 -25.35 3.59 10.32
CA SER A 124 -26.37 3.96 9.36
C SER A 124 -27.51 4.65 10.10
N LYS A 125 -28.48 5.18 9.36
CA LYS A 125 -29.62 5.85 9.96
C LYS A 125 -30.42 4.89 10.85
N GLU A 126 -30.60 3.66 10.38
CA GLU A 126 -31.43 2.67 11.08
C GLU A 126 -30.68 1.89 12.16
N LYS A 127 -29.34 1.85 12.05
CA LYS A 127 -28.49 1.22 13.07
C LYS A 127 -27.32 2.15 13.37
N PRO A 128 -27.52 3.10 14.30
CA PRO A 128 -26.56 4.17 14.52
C PRO A 128 -25.52 3.92 15.62
N ASN A 129 -25.70 2.87 16.41
CA ASN A 129 -24.85 2.64 17.58
C ASN A 129 -23.62 1.75 17.35
N ALA A 130 -23.23 1.62 16.08
CA ALA A 130 -22.18 0.70 15.66
C ALA A 130 -20.79 0.97 16.26
N TYR A 131 -20.34 2.22 16.18
CA TYR A 131 -19.03 2.58 16.70
C TYR A 131 -19.09 3.86 17.53
N PRO A 132 -19.43 3.72 18.83
CA PRO A 132 -19.60 4.88 19.70
C PRO A 132 -18.27 5.58 19.98
N PRO A 133 -18.30 6.91 20.21
CA PRO A 133 -17.10 7.62 20.62
C PRO A 133 -16.69 7.20 22.02
N ASP A 134 -15.41 7.32 22.34
CA ASP A 134 -14.91 6.95 23.66
C ASP A 134 -15.27 8.02 24.70
N ILE A 135 -16.53 8.00 25.12
CA ILE A 135 -17.07 8.93 26.12
C ILE A 135 -16.45 8.69 27.50
N ALA A 136 -16.18 7.43 27.81
CA ALA A 136 -15.54 7.05 29.08
C ALA A 136 -14.18 7.72 29.21
N LEU A 137 -13.44 7.77 28.12
CA LEU A 137 -12.17 8.48 28.09
C LEU A 137 -12.38 9.97 28.36
N LEU A 138 -13.26 10.59 27.59
CA LEU A 138 -13.55 12.03 27.71
C LEU A 138 -13.95 12.42 29.14
N LYS A 139 -14.86 11.66 29.73
CA LYS A 139 -15.30 11.91 31.10
C LYS A 139 -14.14 11.82 32.08
N GLN A 140 -13.23 10.87 31.85
CA GLN A 140 -12.08 10.68 32.73
C GLN A 140 -11.10 11.84 32.65
N MET A 141 -10.84 12.31 31.42
CA MET A 141 -9.99 13.49 31.20
C MET A 141 -10.56 14.72 31.91
N ILE A 142 -11.85 14.97 31.68
CA ILE A 142 -12.57 16.06 32.33
C ILE A 142 -12.49 15.92 33.85
N TYR A 143 -12.67 14.69 34.34
CA TYR A 143 -12.59 14.42 35.77
C TYR A 143 -11.23 14.79 36.38
N LEU A 144 -10.16 14.41 35.70
CA LEU A 144 -8.81 14.64 36.20
C LEU A 144 -8.42 16.11 36.14
N PHE A 145 -8.96 16.83 35.15
CA PHE A 145 -8.76 18.27 35.02
C PHE A 145 -9.36 19.01 36.20
N LEU A 146 -10.57 18.59 36.60
CA LEU A 146 -11.24 19.18 37.75
C LEU A 146 -10.51 18.94 39.06
N GLN A 147 -9.77 17.83 39.13
CA GLN A 147 -9.02 17.47 40.34
C GLN A 147 -7.80 18.35 40.51
N VAL A 148 -7.31 18.93 39.42
CA VAL A 148 -6.16 19.81 39.43
C VAL A 148 -6.48 21.11 40.17
N PRO A 149 -5.72 21.41 41.25
CA PRO A 149 -5.94 22.55 42.15
C PRO A 149 -6.36 23.85 41.47
N GLU A 150 -5.61 24.30 40.47
CA GLU A 150 -5.94 25.56 39.80
C GLU A 150 -5.60 25.65 38.30
N ALA A 151 -6.43 26.42 37.60
CA ALA A 151 -6.14 26.92 36.25
C ALA A 151 -5.60 25.88 35.26
N ASN A 152 -4.58 26.30 34.50
CA ASN A 152 -3.91 25.49 33.48
C ASN A 152 -4.76 25.26 32.23
N GLU A 153 -4.47 26.04 31.18
CA GLU A 153 -5.18 25.95 29.90
C GLU A 153 -4.50 24.96 28.96
N GLY A 154 -3.22 24.68 29.23
CA GLY A 154 -2.49 23.66 28.50
C GLY A 154 -3.15 22.31 28.69
N LEU A 155 -3.58 22.03 29.92
CA LEU A 155 -4.31 20.81 30.24
C LEU A 155 -5.68 20.75 29.58
N LYS A 156 -6.42 21.86 29.65
CA LYS A 156 -7.78 21.94 29.12
C LYS A 156 -7.84 21.75 27.60
N ASP A 157 -6.76 22.13 26.91
CA ASP A 157 -6.64 21.96 25.46
C ASP A 157 -6.80 20.52 25.00
N GLU A 158 -6.41 19.59 25.86
CA GLU A 158 -6.57 18.16 25.62
C GLU A 158 -8.05 17.76 25.64
N VAL A 159 -8.79 18.26 26.63
CA VAL A 159 -10.22 18.02 26.73
C VAL A 159 -10.97 18.68 25.56
N THR A 160 -10.54 19.87 25.18
CA THR A 160 -11.12 20.59 24.05
C THR A 160 -10.91 19.82 22.76
N LEU A 161 -9.66 19.42 22.51
CA LEU A 161 -9.31 18.75 21.27
C LEU A 161 -10.04 17.43 21.10
N LEU A 162 -10.17 16.66 22.17
CA LEU A 162 -10.89 15.39 22.13
C LEU A 162 -12.37 15.61 21.87
N THR A 163 -12.95 16.59 22.55
CA THR A 163 -14.35 16.92 22.37
C THR A 163 -14.62 17.35 20.93
N GLN A 164 -13.73 18.18 20.38
CA GLN A 164 -13.92 18.69 19.03
C GLN A 164 -13.93 17.56 18.02
N ASN A 165 -13.12 16.53 18.27
CA ASN A 165 -13.08 15.34 17.43
C ASN A 165 -14.35 14.48 17.50
N ILE A 166 -14.87 14.31 18.71
CA ILE A 166 -16.11 13.57 18.91
C ILE A 166 -17.27 14.26 18.18
N ARG A 167 -17.31 15.58 18.25
CA ARG A 167 -18.35 16.36 17.58
C ARG A 167 -18.24 16.35 16.07
N ASP A 168 -17.02 16.53 15.55
CA ASP A 168 -16.83 16.75 14.12
C ASP A 168 -16.77 15.48 13.28
N LYS A 169 -16.23 14.41 13.87
CA LYS A 169 -15.93 13.18 13.15
C LYS A 169 -16.82 11.99 13.53
N ALA A 170 -16.73 10.91 12.75
CA ALA A 170 -17.44 9.65 13.02
C ALA A 170 -16.71 8.47 12.37
N TYR A 171 -16.46 7.42 13.14
CA TYR A 171 -15.78 6.24 12.61
C TYR A 171 -16.79 5.30 11.97
N GLY A 172 -16.52 4.89 10.74
CA GLY A 172 -17.38 3.92 10.07
C GLY A 172 -17.11 3.70 8.59
N SER A 173 -18.06 3.00 7.94
CA SER A 173 -17.97 2.58 6.55
C SER A 173 -18.43 3.66 5.56
N GLY A 174 -19.01 4.74 6.06
CA GLY A 174 -19.51 5.80 5.20
C GLY A 174 -20.78 5.39 4.47
N THR A 175 -20.90 5.82 3.22
CA THR A 175 -22.11 5.61 2.43
C THR A 175 -21.76 5.25 0.99
N TYR A 176 -22.74 4.69 0.28
CA TYR A 176 -22.63 4.44 -1.17
C TYR A 176 -22.45 5.79 -1.88
N MET A 177 -23.18 6.79 -1.41
CA MET A 177 -23.14 8.15 -1.92
C MET A 177 -21.73 8.74 -1.79
N GLY A 178 -21.06 8.41 -0.69
CA GLY A 178 -19.68 8.83 -0.46
C GLY A 178 -18.67 8.06 -1.32
N GLN A 179 -18.92 6.77 -1.52
CA GLN A 179 -18.08 5.95 -2.38
C GLN A 179 -18.16 6.42 -3.82
N ALA A 180 -19.39 6.54 -4.31
CA ALA A 180 -19.64 6.99 -5.69
C ALA A 180 -19.06 8.37 -5.88
N ASN A 181 -19.29 9.22 -4.88
CA ASN A 181 -18.78 10.59 -4.90
C ASN A 181 -17.26 10.65 -4.96
N ARG A 182 -16.61 9.78 -4.19
CA ARG A 182 -15.16 9.63 -4.21
C ARG A 182 -14.67 9.20 -5.60
N LEU A 183 -15.40 8.29 -6.23
CA LEU A 183 -15.03 7.78 -7.55
C LEU A 183 -14.99 8.87 -8.61
N VAL A 184 -15.96 9.80 -8.56
CA VAL A 184 -16.02 10.90 -9.53
C VAL A 184 -14.82 11.83 -9.36
N ALA A 185 -14.31 11.91 -8.12
CA ALA A 185 -13.08 12.62 -7.84
C ALA A 185 -11.88 11.92 -8.49
N MET A 186 -11.89 10.58 -8.47
CA MET A 186 -10.82 9.78 -9.08
C MET A 186 -10.79 9.97 -10.60
N LYS A 187 -11.98 10.00 -11.22
CA LYS A 187 -12.10 10.24 -12.65
C LYS A 187 -11.62 11.64 -13.02
N GLU A 188 -11.88 12.60 -12.14
CA GLU A 188 -11.49 13.99 -12.38
C GLU A 188 -9.96 14.17 -12.30
N VAL A 189 -9.33 13.47 -11.37
CA VAL A 189 -7.87 13.48 -11.22
C VAL A 189 -7.20 12.91 -12.48
N ALA A 190 -7.78 11.85 -13.02
CA ALA A 190 -7.21 11.10 -14.13
C ALA A 190 -7.55 11.63 -15.52
N THR A 191 -8.72 12.24 -15.68
CA THR A 191 -9.19 12.67 -17.01
C THR A 191 -9.71 14.11 -17.09
N GLY A 192 -9.71 14.83 -15.97
CA GLY A 192 -10.27 16.18 -15.92
C GLY A 192 -9.25 17.30 -15.99
N ARG A 193 -8.98 17.91 -14.83
CA ARG A 193 -8.10 19.07 -14.69
C ARG A 193 -6.68 18.81 -15.23
N ASN A 194 -6.08 17.71 -14.79
CA ASN A 194 -4.74 17.34 -15.19
C ASN A 194 -4.69 15.87 -15.62
N PRO A 195 -5.17 15.58 -16.85
CA PRO A 195 -5.27 14.20 -17.35
C PRO A 195 -3.94 13.46 -17.31
N ASN A 196 -4.00 12.17 -17.01
CA ASN A 196 -2.83 11.33 -16.84
C ASN A 196 -2.00 11.25 -18.10
N LYS A 197 -0.67 11.19 -17.93
CA LYS A 197 0.24 11.09 -19.05
C LYS A 197 1.09 9.82 -18.99
N ASP A 198 1.08 9.08 -20.10
CA ASP A 198 1.96 7.95 -20.32
C ASP A 198 3.41 8.45 -20.32
N PRO A 199 4.20 8.03 -19.32
CA PRO A 199 5.56 8.54 -19.11
C PRO A 199 6.49 8.29 -20.30
N LEU A 200 6.22 7.22 -21.04
CA LEU A 200 7.04 6.83 -22.18
C LEU A 200 6.88 7.78 -23.36
N LYS A 201 5.74 8.46 -23.42
CA LYS A 201 5.50 9.50 -24.44
C LYS A 201 6.01 10.87 -23.98
N LEU A 202 6.74 10.89 -22.87
CA LEU A 202 7.30 12.11 -22.30
C LEU A 202 8.84 12.09 -22.26
N GLY A 203 9.43 11.18 -23.02
CA GLY A 203 10.88 11.06 -23.06
C GLY A 203 11.44 9.94 -22.19
N TYR A 204 10.69 9.54 -21.18
CA TYR A 204 11.09 8.43 -20.30
C TYR A 204 11.08 7.09 -21.02
N THR A 205 11.92 6.18 -20.54
CA THR A 205 11.94 4.80 -21.02
C THR A 205 11.91 3.87 -19.82
N PHE A 206 11.62 2.59 -20.05
CA PHE A 206 11.64 1.60 -18.97
C PHE A 206 12.94 1.62 -18.19
N GLU A 207 14.05 1.75 -18.92
CA GLU A 207 15.39 1.73 -18.32
C GLU A 207 15.74 3.00 -17.55
N SER A 208 15.50 4.17 -18.15
CA SER A 208 15.77 5.45 -17.48
C SER A 208 14.97 5.60 -16.19
N ILE A 209 13.72 5.13 -16.21
CA ILE A 209 12.91 5.06 -15.00
C ILE A 209 13.55 4.09 -14.00
N ALA A 210 13.96 2.93 -14.50
CA ALA A 210 14.58 1.90 -13.66
C ALA A 210 15.92 2.36 -13.08
N GLN A 211 16.59 3.28 -13.76
CA GLN A 211 17.84 3.85 -13.25
C GLN A 211 17.59 4.88 -12.16
N LEU A 212 16.42 5.51 -12.20
CA LEU A 212 15.99 6.43 -11.14
C LEU A 212 15.57 5.64 -9.89
N LEU A 213 14.90 4.51 -10.12
CA LEU A 213 14.44 3.64 -9.04
C LEU A 213 15.58 2.89 -8.38
N ASP A 214 16.74 2.86 -9.05
CA ASP A 214 17.97 2.31 -8.46
C ASP A 214 18.35 3.10 -7.21
N ILE A 215 18.15 4.41 -7.28
CA ILE A 215 18.46 5.32 -6.18
C ILE A 215 17.34 5.38 -5.14
N THR A 216 16.12 5.60 -5.61
CA THR A 216 14.99 5.86 -4.72
C THR A 216 14.33 4.59 -4.19
N LEU A 217 14.66 3.44 -4.78
CA LEU A 217 14.11 2.16 -4.32
C LEU A 217 15.05 0.99 -4.57
N PRO A 218 16.22 0.98 -3.88
CA PRO A 218 17.17 -0.11 -4.08
C PRO A 218 16.56 -1.47 -3.73
N VAL A 219 16.77 -2.44 -4.61
CA VAL A 219 16.23 -3.79 -4.43
C VAL A 219 17.29 -4.87 -4.54
N GLY A 220 17.11 -5.94 -3.77
CA GLY A 220 18.02 -7.09 -3.80
C GLY A 220 17.39 -8.30 -4.46
N PRO A 221 18.08 -9.45 -4.38
CA PRO A 221 17.50 -10.70 -4.89
C PRO A 221 16.50 -11.28 -3.89
N PRO A 222 15.62 -12.20 -4.35
CA PRO A 222 14.73 -12.89 -3.42
C PRO A 222 15.47 -13.79 -2.43
N GLY A 223 15.02 -13.78 -1.17
CA GLY A 223 15.66 -14.57 -0.11
C GLY A 223 14.99 -14.37 1.24
N ASP A 225 17.30 -14.12 4.41
CA ASP A 225 18.64 -14.58 4.76
C ASP A 225 19.09 -15.73 3.87
N ASP A 226 20.41 -15.89 3.73
CA ASP A 226 21.06 -16.95 2.94
C ASP A 226 20.78 -16.92 1.43
N LYS A 227 19.65 -16.32 1.04
CA LYS A 227 19.17 -16.23 -0.35
C LYS A 227 18.99 -17.58 -1.09
N PRO A 228 18.17 -18.50 -0.53
CA PRO A 228 17.81 -19.72 -1.25
C PRO A 228 16.37 -19.64 -1.78
N TRP A 229 16.17 -18.94 -2.90
CA TRP A 229 14.84 -18.75 -3.46
C TRP A 229 14.75 -19.25 -4.91
N VAL A 230 13.55 -19.68 -5.30
CA VAL A 230 13.29 -20.24 -6.64
C VAL A 230 12.98 -19.14 -7.65
N PRO A 231 13.33 -19.36 -8.94
CA PRO A 231 13.02 -18.41 -10.01
C PRO A 231 11.53 -18.39 -10.39
N LEU A 232 11.11 -17.34 -11.08
CA LEU A 232 9.73 -17.23 -11.58
C LEU A 232 9.54 -18.06 -12.84
N THR A 233 9.45 -19.38 -12.65
CA THR A 233 9.36 -20.32 -13.76
C THR A 233 8.35 -21.44 -13.50
N ARG A 234 7.63 -21.35 -12.39
CA ARG A 234 6.70 -22.39 -11.99
C ARG A 234 5.34 -21.86 -11.55
N VAL A 235 4.32 -22.71 -11.65
CA VAL A 235 2.98 -22.41 -11.16
C VAL A 235 2.99 -22.42 -9.62
N PRO A 236 2.09 -21.63 -8.99
CA PRO A 236 1.97 -21.54 -7.53
C PRO A 236 1.85 -22.87 -6.79
N SER A 237 1.26 -23.88 -7.43
CA SER A 237 1.10 -25.19 -6.81
C SER A 237 2.44 -25.80 -6.43
N ARG A 238 3.42 -25.69 -7.34
CA ARG A 238 4.75 -26.26 -7.13
C ARG A 238 5.70 -25.33 -6.35
N MET A 239 5.14 -24.28 -5.76
CA MET A 239 5.90 -23.38 -4.90
C MET A 239 5.97 -23.90 -3.45
N LEU A 240 5.34 -25.04 -3.20
CA LEU A 240 5.56 -25.82 -1.98
C LEU A 240 6.34 -27.07 -2.38
N VAL A 241 7.48 -27.30 -1.73
CA VAL A 241 8.39 -28.39 -2.13
C VAL A 241 8.47 -29.51 -1.09
N LEU A 242 8.25 -30.74 -1.55
CA LEU A 242 8.36 -31.94 -0.71
C LEU A 242 9.82 -32.40 -0.52
N THR A 243 10.63 -31.54 0.10
CA THR A 243 12.04 -31.83 0.35
C THR A 243 12.19 -33.06 1.25
N GLY A 244 12.86 -34.09 0.74
CA GLY A 244 13.00 -35.36 1.44
C GLY A 244 11.73 -36.19 1.29
N ASP A 245 11.82 -37.25 0.48
CA ASP A 245 10.67 -38.10 0.17
C ASP A 245 10.16 -38.92 1.36
N VAL A 246 8.88 -39.31 1.28
CA VAL A 246 8.14 -40.01 2.37
C VAL A 246 7.91 -39.06 3.57
N ASP A 247 6.68 -38.57 3.68
CA ASP A 247 6.30 -37.63 4.74
C ASP A 247 6.23 -38.29 6.12
N VAL A 252 8.27 -29.52 4.31
CA VAL A 252 7.77 -28.66 3.25
C VAL A 252 8.38 -27.26 3.32
N GLU A 253 9.02 -26.86 2.22
CA GLU A 253 9.56 -25.50 2.11
C GLU A 253 8.54 -24.59 1.43
N ASP A 254 8.29 -23.43 2.04
CA ASP A 254 7.23 -22.52 1.60
C ASP A 254 7.79 -21.28 0.90
N TYR A 255 7.41 -21.11 -0.37
CA TYR A 255 7.89 -20.00 -1.20
C TYR A 255 6.80 -19.00 -1.55
N LEU A 256 5.54 -19.39 -1.38
CA LEU A 256 4.41 -18.53 -1.69
C LEU A 256 4.36 -17.32 -0.76
N PRO A 257 4.12 -16.12 -1.33
CA PRO A 257 4.00 -14.89 -0.54
C PRO A 257 2.90 -15.01 0.50
N LYS A 258 3.07 -14.35 1.63
CA LYS A 258 2.06 -14.43 2.69
C LYS A 258 0.90 -13.50 2.41
N ILE A 259 -0.30 -14.03 2.58
CA ILE A 259 -1.54 -13.29 2.42
C ILE A 259 -2.35 -13.41 3.71
N ASN A 260 -3.02 -12.33 4.12
CA ASN A 260 -3.77 -12.36 5.39
C ASN A 260 -5.12 -13.05 5.21
N LEU A 261 -5.34 -14.10 6.00
CA LEU A 261 -6.45 -15.04 5.81
C LEU A 261 -7.84 -14.43 6.02
N LYS A 262 -7.89 -13.20 6.51
CA LYS A 262 -9.14 -12.61 6.97
C LYS A 262 -9.73 -11.59 6.00
N SER A 263 -8.94 -11.11 5.04
CA SER A 263 -9.44 -10.21 3.99
C SER A 263 -10.30 -10.97 2.98
N SER A 264 -11.14 -10.24 2.25
CA SER A 264 -12.09 -10.87 1.33
C SER A 264 -11.41 -11.44 0.09
N SER A 265 -11.86 -12.61 -0.33
CA SER A 265 -11.31 -13.32 -1.48
C SER A 265 -11.46 -12.54 -2.78
N GLY A 266 -12.58 -11.86 -2.94
CA GLY A 266 -12.91 -11.18 -4.18
C GLY A 266 -13.48 -12.16 -5.19
N LEU A 267 -13.63 -11.71 -6.43
CA LEU A 267 -14.18 -12.55 -7.50
C LEU A 267 -13.28 -13.77 -7.76
N PRO A 268 -13.89 -14.93 -8.04
CA PRO A 268 -15.32 -15.24 -8.09
C PRO A 268 -15.91 -15.78 -6.78
N TYR A 269 -15.49 -15.23 -5.65
CA TYR A 269 -15.98 -15.70 -4.35
C TYR A 269 -16.41 -14.55 -3.44
N VAL A 270 -17.46 -13.84 -3.85
CA VAL A 270 -18.02 -12.76 -3.05
C VAL A 270 -18.57 -13.31 -1.75
N GLY A 271 -18.29 -12.62 -0.65
CA GLY A 271 -18.75 -13.04 0.67
C GLY A 271 -17.96 -14.20 1.26
N ARG A 272 -16.74 -14.40 0.77
CA ARG A 272 -15.84 -15.41 1.31
C ARG A 272 -14.46 -14.80 1.52
N THR A 273 -13.74 -15.31 2.52
CA THR A 273 -12.40 -14.80 2.85
C THR A 273 -11.32 -15.62 2.17
N LYS A 274 -10.13 -15.03 2.08
CA LYS A 274 -8.98 -15.69 1.44
C LYS A 274 -8.65 -17.03 2.06
N GLY A 275 -8.80 -17.13 3.38
CA GLY A 275 -8.58 -18.37 4.12
C GLY A 275 -9.55 -19.46 3.72
N GLU A 276 -10.79 -19.06 3.42
CA GLU A 276 -11.83 -19.98 2.97
C GLU A 276 -11.67 -20.41 1.52
N THR A 277 -10.81 -19.71 0.78
CA THR A 277 -10.63 -19.96 -0.65
C THR A 277 -9.17 -20.17 -1.06
N ILE A 278 -8.33 -20.58 -0.10
CA ILE A 278 -6.90 -20.80 -0.36
C ILE A 278 -6.67 -21.79 -1.50
N GLY A 279 -7.29 -22.97 -1.39
CA GLY A 279 -7.18 -23.99 -2.42
C GLY A 279 -7.60 -23.46 -3.78
N GLU A 280 -8.73 -22.77 -3.80
CA GLU A 280 -9.32 -22.21 -5.00
C GLU A 280 -8.43 -21.16 -5.65
N MET A 281 -7.83 -20.32 -4.81
CA MET A 281 -6.92 -19.28 -5.24
C MET A 281 -5.72 -19.84 -6.03
N ILE A 282 -5.15 -20.94 -5.51
CA ILE A 282 -4.04 -21.63 -6.17
C ILE A 282 -4.49 -22.28 -7.49
N ALA A 283 -5.63 -22.98 -7.43
CA ALA A 283 -6.15 -23.72 -8.58
C ALA A 283 -6.37 -22.85 -9.80
N ILE A 284 -7.04 -21.71 -9.61
CA ILE A 284 -7.32 -20.77 -10.70
C ILE A 284 -6.02 -20.18 -11.26
N SER A 285 -5.11 -19.80 -10.37
CA SER A 285 -3.80 -19.27 -10.76
C SER A 285 -3.02 -20.29 -11.59
N ASN A 286 -3.01 -21.54 -11.13
CA ASN A 286 -2.42 -22.65 -11.88
C ASN A 286 -2.99 -22.69 -13.29
N GLN A 287 -4.32 -22.80 -13.38
CA GLN A 287 -5.02 -22.94 -14.66
C GLN A 287 -4.76 -21.77 -15.59
N PHE A 288 -4.89 -20.55 -15.08
CA PHE A 288 -4.61 -19.35 -15.86
C PHE A 288 -3.20 -19.38 -16.45
N LEU A 289 -2.20 -19.61 -15.59
CA LEU A 289 -0.80 -19.64 -16.01
C LEU A 289 -0.46 -20.79 -16.96
N ARG A 290 -1.17 -21.91 -16.82
CA ARG A 290 -1.00 -23.04 -17.71
C ARG A 290 -1.62 -22.78 -19.08
N GLU A 291 -2.80 -22.17 -19.08
CA GLU A 291 -3.46 -21.75 -20.31
C GLU A 291 -2.60 -20.72 -21.04
N LEU A 292 -1.99 -19.82 -20.28
CA LEU A 292 -1.12 -18.79 -20.83
C LEU A 292 0.11 -19.39 -21.51
N SER A 293 0.80 -20.29 -20.82
CA SER A 293 2.01 -20.92 -21.36
C SER A 293 1.73 -21.82 -22.57
N THR A 294 0.51 -22.33 -22.68
CA THR A 294 0.10 -23.06 -23.89
C THR A 294 -0.05 -22.09 -25.07
N LEU A 295 -0.74 -20.98 -24.86
CA LEU A 295 -0.94 -19.96 -25.90
C LEU A 295 0.37 -19.42 -26.46
N LEU A 296 1.41 -19.39 -25.64
CA LEU A 296 2.74 -18.94 -26.06
C LEU A 296 3.53 -20.06 -26.70
N LYS A 297 3.33 -21.29 -26.22
CA LYS A 297 3.93 -22.49 -26.78
C LYS A 297 3.39 -22.74 -28.19
N GLN A 298 2.08 -22.57 -28.34
CA GLN A 298 1.40 -22.72 -29.63
C GLN A 298 1.72 -21.56 -30.57
N GLY A 299 2.14 -20.44 -30.00
CA GLY A 299 2.51 -19.24 -30.78
C GLY A 299 1.29 -18.50 -31.32
N ALA A 300 1.52 -17.66 -32.31
CA ALA A 300 0.45 -16.90 -32.95
C ALA A 300 -0.22 -17.68 -34.08
N GLY A 301 0.30 -18.88 -34.36
CA GLY A 301 -0.24 -19.76 -35.39
C GLY A 301 -0.12 -19.21 -36.79
N THR A 302 -0.70 -19.92 -37.76
CA THR A 302 -0.65 -19.49 -39.16
C THR A 302 -1.64 -18.36 -39.45
N LYS A 303 -1.14 -17.29 -40.05
CA LYS A 303 -1.93 -16.09 -40.42
C LYS A 303 -2.77 -15.54 -39.26
N GLY A 304 -2.18 -15.48 -38.08
CA GLY A 304 -2.81 -14.96 -36.87
C GLY A 304 -4.06 -15.69 -36.41
N SER A 305 -4.22 -16.95 -36.86
CA SER A 305 -5.41 -17.75 -36.56
C SER A 305 -5.38 -18.32 -35.14
N ASN A 306 -4.88 -17.53 -34.20
CA ASN A 306 -4.82 -17.91 -32.79
C ASN A 306 -5.20 -16.79 -31.85
N LYS A 307 -5.50 -15.62 -32.40
CA LYS A 307 -6.00 -14.48 -31.61
C LYS A 307 -7.29 -14.85 -30.90
N LYS A 308 -8.18 -15.53 -31.63
CA LYS A 308 -9.45 -16.03 -31.06
C LYS A 308 -9.20 -16.82 -29.78
N LYS A 309 -8.15 -17.64 -29.80
CA LYS A 309 -7.75 -18.45 -28.62
C LYS A 309 -7.28 -17.58 -27.45
N LEU A 310 -6.58 -16.49 -27.75
CA LEU A 310 -6.10 -15.55 -26.74
C LEU A 310 -7.25 -14.73 -26.16
N LEU A 311 -8.06 -14.15 -27.04
CA LEU A 311 -9.20 -13.32 -26.66
C LEU A 311 -10.23 -14.15 -25.90
N SER A 312 -10.43 -15.40 -26.33
CA SER A 312 -11.26 -16.36 -25.63
C SER A 312 -10.83 -16.50 -24.16
N MET A 313 -9.53 -16.73 -23.94
CA MET A 313 -8.98 -16.92 -22.60
C MET A 313 -9.17 -15.67 -21.72
N LEU A 314 -8.63 -14.55 -22.19
CA LEU A 314 -8.70 -13.29 -21.46
C LEU A 314 -10.14 -12.90 -21.09
N SER A 315 -11.07 -13.15 -22.00
CA SER A 315 -12.48 -12.89 -21.74
C SER A 315 -13.05 -13.85 -20.70
N ASP A 316 -12.61 -15.10 -20.73
CA ASP A 316 -13.05 -16.11 -19.76
C ASP A 316 -12.54 -15.76 -18.35
N TYR A 317 -11.38 -15.12 -18.29
CA TYR A 317 -10.80 -14.69 -17.02
C TYR A 317 -10.98 -13.19 -16.79
N TRP A 318 -12.04 -12.62 -17.36
CA TRP A 318 -12.36 -11.20 -17.21
C TRP A 318 -12.36 -10.79 -15.73
N TYR A 319 -12.93 -11.64 -14.89
CA TYR A 319 -13.13 -11.35 -13.46
C TYR A 319 -11.84 -11.13 -12.68
N LEU A 320 -10.71 -11.55 -13.24
CA LEU A 320 -9.41 -11.30 -12.64
C LEU A 320 -9.03 -9.82 -12.69
N SER A 321 -9.78 -9.05 -13.48
CA SER A 321 -9.51 -7.63 -13.64
C SER A 321 -10.62 -6.78 -13.02
N CYS A 322 -11.40 -7.39 -12.14
CA CYS A 322 -12.54 -6.70 -11.53
C CYS A 322 -12.46 -6.74 -10.00
N GLY A 323 -12.32 -5.57 -9.39
CA GLY A 323 -12.21 -5.47 -7.94
C GLY A 323 -13.55 -5.17 -7.29
N LEU A 324 -13.66 -5.50 -6.00
CA LEU A 324 -14.85 -5.15 -5.24
C LEU A 324 -14.60 -3.79 -4.62
N LEU A 325 -15.57 -2.88 -4.75
CA LEU A 325 -15.45 -1.56 -4.12
C LEU A 325 -15.77 -1.62 -2.64
N PHE A 326 -14.80 -2.08 -1.86
CA PHE A 326 -14.93 -2.18 -0.42
C PHE A 326 -14.85 -0.79 0.22
N PRO A 327 -15.88 -0.43 1.02
CA PRO A 327 -15.82 0.83 1.76
C PRO A 327 -14.92 0.71 2.99
N LYS A 328 -13.82 1.47 2.96
CA LYS A 328 -12.80 1.47 4.01
C LYS A 328 -13.35 2.16 5.26
N ALA A 329 -13.13 1.54 6.41
CA ALA A 329 -13.58 2.11 7.68
C ALA A 329 -12.51 3.01 8.27
N GLU A 330 -12.84 4.28 8.47
CA GLU A 330 -11.95 5.21 9.16
C GLU A 330 -12.72 6.34 9.84
N ARG A 331 -11.99 7.28 10.46
CA ARG A 331 -12.61 8.42 11.13
C ARG A 331 -12.88 9.53 10.11
N TYR A 332 -13.98 9.40 9.38
CA TYR A 332 -14.42 10.46 8.48
C TYR A 332 -15.08 11.53 9.33
N ASP A 333 -15.10 12.77 8.85
CA ASP A 333 -15.87 13.77 9.56
C ASP A 333 -17.30 13.90 9.03
N LYS A 334 -18.23 14.09 9.97
CA LYS A 334 -19.67 14.05 9.75
C LYS A 334 -20.18 14.88 8.56
N SER A 335 -19.60 16.07 8.38
CA SER A 335 -20.02 16.99 7.33
C SER A 335 -19.86 16.43 5.91
N THR A 336 -18.99 15.44 5.74
CA THR A 336 -18.76 14.84 4.43
C THR A 336 -19.12 13.35 4.36
N TRP A 337 -19.93 12.89 5.32
CA TRP A 337 -20.37 11.50 5.40
C TRP A 337 -21.02 11.04 4.10
N LEU A 338 -21.62 11.98 3.38
CA LEU A 338 -22.27 11.69 2.09
C LEU A 338 -21.40 11.99 0.88
N THR A 339 -20.29 12.70 1.06
CA THR A 339 -19.48 13.14 -0.09
C THR A 339 -18.07 12.56 -0.20
N LYS A 340 -17.58 11.89 0.85
CA LYS A 340 -16.27 11.26 0.81
C LYS A 340 -16.19 9.96 1.59
N THR A 341 -16.00 8.85 0.88
CA THR A 341 -15.70 7.57 1.49
C THR A 341 -14.59 6.90 0.71
N ARG A 342 -13.46 6.64 1.37
CA ARG A 342 -12.32 6.02 0.71
C ARG A 342 -12.67 4.58 0.34
N ASN A 343 -12.17 4.15 -0.81
CA ASN A 343 -12.46 2.84 -1.34
C ASN A 343 -11.22 1.93 -1.35
N ILE A 344 -11.42 0.66 -1.04
CA ILE A 344 -10.37 -0.34 -1.24
C ILE A 344 -10.77 -1.25 -2.41
N TRP A 345 -9.91 -1.30 -3.43
CA TRP A 345 -10.13 -2.11 -4.62
C TRP A 345 -9.72 -3.55 -4.33
N SER A 346 -10.68 -4.36 -3.89
CA SER A 346 -10.39 -5.74 -3.49
C SER A 346 -10.10 -6.64 -4.68
N ALA A 347 -8.81 -6.75 -5.01
CA ALA A 347 -8.34 -7.58 -6.11
C ALA A 347 -8.71 -9.04 -5.89
N PRO A 348 -9.09 -9.75 -6.97
CA PRO A 348 -9.38 -11.18 -6.85
C PRO A 348 -8.14 -11.90 -6.34
N SER A 349 -8.32 -12.88 -5.46
CA SER A 349 -7.16 -13.56 -4.84
C SER A 349 -6.14 -14.15 -5.83
N PRO A 350 -6.60 -14.79 -6.94
CA PRO A 350 -5.61 -15.24 -7.92
C PRO A 350 -4.73 -14.12 -8.49
N THR A 351 -5.35 -12.99 -8.82
CA THR A 351 -4.64 -11.84 -9.38
C THR A 351 -3.66 -11.25 -8.37
N HIS A 352 -4.08 -11.17 -7.12
CA HIS A 352 -3.21 -10.74 -6.03
C HIS A 352 -2.03 -11.71 -5.89
N LEU A 353 -2.34 -12.99 -5.74
CA LEU A 353 -1.32 -14.03 -5.57
C LEU A 353 -0.25 -13.98 -6.65
N MET A 354 -0.67 -13.86 -7.90
CA MET A 354 0.26 -13.86 -9.03
C MET A 354 1.13 -12.61 -9.08
N ILE A 355 0.53 -11.45 -8.84
CA ILE A 355 1.27 -10.19 -8.81
C ILE A 355 2.23 -10.16 -7.62
N SER A 356 1.75 -10.59 -6.45
CA SER A 356 2.59 -10.65 -5.25
C SER A 356 3.66 -11.74 -5.32
N MET A 357 3.51 -12.69 -6.24
CA MET A 357 4.56 -13.67 -6.50
C MET A 357 5.76 -13.03 -7.21
N ILE A 358 5.48 -11.99 -7.98
CA ILE A 358 6.53 -11.21 -8.65
C ILE A 358 7.07 -10.18 -7.67
N THR A 359 6.20 -9.64 -6.83
CA THR A 359 6.49 -8.44 -6.08
C THR A 359 7.09 -8.70 -4.69
N TRP A 360 6.49 -9.64 -3.95
CA TRP A 360 6.82 -9.84 -2.53
C TRP A 360 8.20 -10.44 -2.22
N PRO A 361 8.61 -11.51 -2.93
CA PRO A 361 9.94 -12.09 -2.64
C PRO A 361 11.11 -11.11 -2.77
N VAL A 362 10.97 -10.13 -3.67
CA VAL A 362 11.96 -9.07 -3.83
C VAL A 362 11.83 -8.04 -2.71
N MET A 363 10.60 -7.60 -2.48
CA MET A 363 10.31 -6.47 -1.60
C MET A 363 10.43 -6.77 -0.10
N SER A 364 10.09 -7.98 0.30
CA SER A 364 10.23 -8.40 1.70
C SER A 364 11.69 -8.71 2.03
N ASN A 365 12.57 -8.50 1.06
CA ASN A 365 13.99 -8.82 1.22
C ASN A 365 14.90 -7.64 0.87
N SER A 366 14.33 -6.45 0.82
CA SER A 366 15.09 -5.25 0.44
C SER A 366 14.89 -4.09 1.42
N PRO A 367 15.51 -4.18 2.62
CA PRO A 367 15.34 -3.14 3.63
C PRO A 367 16.31 -1.98 3.41
N ASN A 368 16.20 -1.35 2.24
CA ASN A 368 17.17 -0.34 1.80
C ASN A 368 16.58 1.06 1.82
N ASN A 369 17.05 1.88 2.76
CA ASN A 369 16.53 3.24 2.92
C ASN A 369 17.63 4.27 3.19
N VAL A 370 17.19 5.47 3.57
CA VAL A 370 18.08 6.60 3.88
C VAL A 370 19.06 6.26 5.02
N LEU A 371 18.65 5.36 5.91
CA LEU A 371 19.40 5.05 7.13
C LEU A 371 20.54 4.05 6.94
N ASN A 372 20.66 3.45 5.75
CA ASN A 372 21.74 2.50 5.50
C ASN A 372 22.39 2.58 4.11
N ILE A 373 21.89 3.49 3.27
CA ILE A 373 22.53 3.81 2.00
C ILE A 373 22.64 5.33 1.85
N GLU A 374 23.86 5.81 1.64
CA GLU A 374 24.12 7.23 1.40
C GLU A 374 23.55 7.64 0.04
N GLY A 375 22.91 8.81 0.02
CA GLY A 375 22.28 9.32 -1.21
C GLY A 375 20.83 8.91 -1.37
N CYS A 376 20.46 7.77 -0.76
CA CYS A 376 19.13 7.20 -0.89
C CYS A 376 18.03 8.01 -0.15
N PRO A 377 17.01 8.46 -0.90
CA PRO A 377 15.89 9.20 -0.33
C PRO A 377 14.75 8.32 0.21
N SER A 378 14.77 7.04 -0.12
CA SER A 378 13.69 6.12 0.26
C SER A 378 13.54 6.01 1.77
N LEU A 379 12.28 5.99 2.22
CA LEU A 379 11.97 5.72 3.63
C LEU A 379 11.30 4.36 3.76
N TYR A 380 11.54 3.49 2.77
CA TYR A 380 10.98 2.15 2.79
C TYR A 380 11.44 1.37 4.02
N LYS A 381 10.48 0.71 4.65
CA LYS A 381 10.69 -0.05 5.89
C LYS A 381 11.35 0.75 7.02
N PHE A 382 11.17 2.07 6.98
CA PHE A 382 11.61 2.94 8.07
C PHE A 382 10.77 2.67 9.31
N ASN A 383 11.43 2.63 10.45
CA ASN A 383 10.78 2.53 11.74
C ASN A 383 11.39 3.57 12.69
N PRO A 384 10.54 4.39 13.33
CA PRO A 384 11.01 5.53 14.13
C PRO A 384 11.61 5.14 15.47
N PHE A 385 11.31 3.93 15.94
CA PHE A 385 11.86 3.42 17.20
C PHE A 385 13.27 2.87 16.99
N ARG A 386 13.90 2.43 18.08
CA ARG A 386 15.26 1.87 18.05
C ARG A 386 16.29 2.90 17.54
N GLY A 387 16.01 4.18 17.76
CA GLY A 387 16.89 5.26 17.33
C GLY A 387 16.65 5.71 15.89
N GLY A 388 15.54 5.27 15.33
CA GLY A 388 15.21 5.55 13.93
C GLY A 388 14.86 6.99 13.64
N LEU A 389 14.02 7.59 14.49
CA LEU A 389 13.60 8.97 14.30
C LEU A 389 14.73 9.96 14.54
N ASN A 390 15.50 9.73 15.61
CA ASN A 390 16.65 10.58 15.91
C ASN A 390 17.52 10.77 14.67
N ARG A 391 17.71 9.67 13.94
CA ARG A 391 18.55 9.67 12.75
C ARG A 391 18.01 10.50 11.60
N ILE A 392 16.69 10.53 11.44
CA ILE A 392 16.06 11.38 10.42
C ILE A 392 16.17 12.85 10.82
N VAL A 393 15.99 13.14 12.10
CA VAL A 393 16.10 14.50 12.61
C VAL A 393 17.53 15.03 12.45
N GLU A 394 18.51 14.18 12.74
CA GLU A 394 19.93 14.49 12.51
C GLU A 394 20.20 14.71 11.02
N TRP A 395 19.47 13.98 10.17
CA TRP A 395 19.54 14.15 8.73
C TRP A 395 19.00 15.52 8.31
N ILE A 396 17.91 15.95 8.95
CA ILE A 396 17.31 17.26 8.69
C ILE A 396 18.25 18.38 9.12
N LEU A 397 18.82 18.25 10.31
CA LEU A 397 19.68 19.28 10.90
C LEU A 397 20.95 19.55 10.09
N ALA A 398 21.40 18.56 9.32
CA ALA A 398 22.55 18.70 8.43
C ALA A 398 22.35 19.89 7.48
N PRO A 399 23.43 20.69 7.28
CA PRO A 399 23.41 21.91 6.46
C PRO A 399 22.91 21.74 5.02
N GLU A 400 23.05 20.54 4.47
CA GLU A 400 22.66 20.24 3.09
C GLU A 400 21.20 20.62 2.81
N GLU A 401 20.98 21.26 1.66
CA GLU A 401 19.64 21.59 1.15
C GLU A 401 19.72 22.20 -0.24
N PRO A 402 18.72 21.96 -1.11
CA PRO A 402 17.50 21.17 -0.92
C PRO A 402 17.74 19.67 -0.92
N LYS A 403 16.91 18.94 -0.18
CA LYS A 403 17.01 17.49 -0.08
C LYS A 403 15.62 16.85 0.10
N ALA A 404 15.45 15.67 -0.48
CA ALA A 404 14.15 15.01 -0.53
C ALA A 404 14.15 13.63 0.13
N LEU A 405 12.97 13.24 0.63
CA LEU A 405 12.70 11.90 1.14
C LEU A 405 11.42 11.38 0.47
N VAL A 406 11.39 10.09 0.15
CA VAL A 406 10.20 9.46 -0.47
C VAL A 406 9.69 8.21 0.22
N TYR A 407 8.38 8.12 0.35
CA TYR A 407 7.70 6.87 0.70
C TYR A 407 6.35 6.81 -0.02
N ALA A 408 6.26 5.91 -0.98
CA ALA A 408 5.10 5.79 -1.88
C ALA A 408 4.63 7.15 -2.43
N ASP A 409 3.42 7.55 -2.07
CA ASP A 409 2.83 8.79 -2.56
C ASP A 409 3.15 9.99 -1.67
N ASN A 410 4.20 9.85 -0.87
CA ASN A 410 4.64 10.89 0.05
C ASN A 410 6.02 11.41 -0.31
N ILE A 411 6.11 12.73 -0.45
CA ILE A 411 7.40 13.38 -0.65
C ILE A 411 7.62 14.40 0.46
N TYR A 412 8.76 14.29 1.13
CA TYR A 412 9.18 15.25 2.15
C TYR A 412 10.40 16.00 1.65
N ILE A 413 10.34 17.34 1.68
CA ILE A 413 11.43 18.17 1.18
C ILE A 413 11.80 19.30 2.14
N VAL A 414 13.09 19.42 2.47
CA VAL A 414 13.58 20.61 3.16
C VAL A 414 14.27 21.52 2.16
N HIS A 415 13.87 22.80 2.19
CA HIS A 415 14.28 23.78 1.21
C HIS A 415 14.21 25.15 1.87
N SER A 416 15.31 25.92 1.77
CA SER A 416 15.39 27.24 2.40
C SER A 416 14.97 27.19 3.86
N ASN A 417 15.56 26.24 4.59
CA ASN A 417 15.25 25.97 6.01
C ASN A 417 13.75 25.78 6.32
N THR A 418 13.02 25.22 5.36
CA THR A 418 11.61 24.91 5.53
C THR A 418 11.36 23.43 5.25
N TRP A 419 10.54 22.81 6.09
CA TRP A 419 10.16 21.41 5.91
C TRP A 419 8.84 21.34 5.15
N TYR A 420 8.81 20.60 4.05
CA TYR A 420 7.60 20.47 3.25
C TYR A 420 7.10 19.02 3.19
N SER A 421 5.85 18.82 3.58
CA SER A 421 5.19 17.52 3.52
C SER A 421 4.23 17.50 2.34
N ILE A 422 4.54 16.68 1.35
CA ILE A 422 3.78 16.68 0.09
C ILE A 422 3.10 15.34 -0.16
N ASP A 423 1.87 15.41 -0.68
CA ASP A 423 1.10 14.24 -1.07
C ASP A 423 0.68 14.34 -2.52
N LEU A 424 0.65 13.20 -3.20
CA LEU A 424 0.02 13.11 -4.52
C LEU A 424 -1.50 13.08 -4.29
N GLU A 425 -2.25 13.84 -5.10
CA GLU A 425 -3.69 14.06 -4.86
C GLU A 425 -4.48 12.80 -4.48
N LYS A 426 -4.65 11.89 -5.43
CA LYS A 426 -5.22 10.59 -5.10
C LYS A 426 -4.22 9.48 -5.39
N GLY A 427 -3.05 9.87 -5.91
CA GLY A 427 -1.96 8.93 -6.18
C GLY A 427 -2.33 7.88 -7.21
N GLU A 428 -2.96 6.81 -6.72
CA GLU A 428 -3.43 5.70 -7.55
C GLU A 428 -4.14 6.17 -8.81
N ALA A 429 -4.91 7.24 -8.68
CA ALA A 429 -5.69 7.78 -9.79
C ALA A 429 -4.85 8.31 -10.94
N ASN A 430 -3.63 8.76 -10.61
CA ASN A 430 -2.70 9.29 -11.60
C ASN A 430 -1.94 8.21 -12.37
N CYS A 431 -2.01 6.98 -11.87
CA CYS A 431 -1.24 5.86 -12.38
C CYS A 431 -1.80 5.31 -13.69
N THR A 432 -0.94 5.20 -14.70
CA THR A 432 -1.31 4.56 -15.97
C THR A 432 -0.76 3.14 -16.01
N ARG A 433 -1.12 2.38 -17.05
CA ARG A 433 -0.65 1.02 -17.20
C ARG A 433 0.84 0.96 -17.48
N GLN A 434 1.34 1.98 -18.19
CA GLN A 434 2.76 2.05 -18.51
C GLN A 434 3.60 2.38 -17.28
N HIS A 435 3.01 3.13 -16.35
CA HIS A 435 3.63 3.38 -15.04
C HIS A 435 3.87 2.05 -14.32
N MET A 436 2.85 1.20 -14.26
CA MET A 436 2.97 -0.08 -13.60
C MET A 436 3.88 -1.06 -14.35
N GLN A 437 3.80 -1.07 -15.68
CA GLN A 437 4.65 -1.98 -16.44
C GLN A 437 6.13 -1.57 -16.40
N ALA A 438 6.37 -0.28 -16.16
CA ALA A 438 7.71 0.21 -15.87
C ALA A 438 8.18 -0.29 -14.51
N ALA A 439 7.28 -0.24 -13.54
CA ALA A 439 7.54 -0.79 -12.20
C ALA A 439 7.82 -2.28 -12.28
N MET A 440 7.04 -2.98 -13.10
CA MET A 440 7.25 -4.41 -13.35
C MET A 440 8.61 -4.66 -14.00
N TYR A 441 8.97 -3.79 -14.93
CA TYR A 441 10.27 -3.87 -15.60
C TYR A 441 11.40 -3.73 -14.58
N TYR A 442 11.26 -2.78 -13.66
CA TYR A 442 12.27 -2.56 -12.62
C TYR A 442 12.41 -3.76 -11.68
N ILE A 443 11.29 -4.27 -11.18
CA ILE A 443 11.30 -5.41 -10.27
C ILE A 443 11.94 -6.65 -10.89
N LEU A 444 11.57 -6.98 -12.12
CA LEU A 444 12.10 -8.15 -12.82
C LEU A 444 13.58 -7.98 -13.18
N THR A 445 13.95 -6.76 -13.56
CA THR A 445 15.31 -6.46 -13.96
C THR A 445 16.30 -6.51 -12.79
N ARG A 446 16.05 -5.71 -11.77
CA ARG A 446 17.01 -5.57 -10.67
C ARG A 446 16.79 -6.60 -9.57
N GLY A 447 15.59 -7.15 -9.50
CA GLY A 447 15.25 -8.11 -8.45
C GLY A 447 15.30 -9.55 -8.90
N TRP A 448 14.68 -9.83 -10.04
CA TRP A 448 14.60 -11.20 -10.57
C TRP A 448 15.62 -11.47 -11.69
N SER A 449 16.83 -10.95 -11.54
CA SER A 449 17.86 -11.19 -12.55
C SER A 449 19.26 -11.34 -11.98
N ASP A 450 19.85 -12.50 -12.25
CA ASP A 450 21.20 -12.80 -11.79
C ASP A 450 22.22 -12.26 -12.78
N ASN A 451 22.74 -11.07 -12.46
CA ASN A 451 23.85 -10.45 -13.20
C ASN A 451 23.56 -10.28 -14.70
N GLY A 452 22.36 -9.81 -15.02
CA GLY A 452 21.93 -9.65 -16.40
C GLY A 452 20.99 -10.73 -16.87
N ASP A 453 21.29 -11.98 -16.49
CA ASP A 453 20.49 -13.14 -16.88
C ASP A 453 19.12 -13.15 -16.21
N PRO A 454 18.06 -13.50 -16.96
CA PRO A 454 16.71 -13.53 -16.41
C PRO A 454 16.49 -14.74 -15.49
N MET A 455 15.97 -14.49 -14.29
CA MET A 455 15.49 -15.55 -13.41
C MET A 455 13.97 -15.74 -13.55
N PHE A 456 13.50 -15.62 -14.80
CA PHE A 456 12.08 -15.76 -15.11
C PHE A 456 11.88 -16.28 -16.53
N ASN A 457 10.87 -17.12 -16.72
CA ASN A 457 10.52 -17.60 -18.05
C ASN A 457 9.65 -16.59 -18.80
N GLN A 458 9.23 -16.96 -20.00
CA GLN A 458 8.51 -16.04 -20.87
C GLN A 458 7.03 -15.92 -20.53
N THR A 459 6.50 -16.91 -19.80
CA THR A 459 5.12 -16.88 -19.32
C THR A 459 4.95 -15.77 -18.27
N TRP A 460 5.90 -15.73 -17.34
CA TRP A 460 5.90 -14.73 -16.27
C TRP A 460 6.29 -13.36 -16.78
N ALA A 461 7.16 -13.33 -17.78
CA ALA A 461 7.55 -12.09 -18.44
C ALA A 461 6.35 -11.45 -19.15
N THR A 462 5.57 -12.27 -19.85
CA THR A 462 4.41 -11.78 -20.59
C THR A 462 3.27 -11.39 -19.64
N PHE A 463 3.14 -12.12 -18.53
CA PHE A 463 2.13 -11.81 -17.53
C PHE A 463 2.43 -10.46 -16.87
N ALA A 464 3.69 -10.28 -16.48
CA ALA A 464 4.13 -9.08 -15.78
C ALA A 464 4.04 -7.83 -16.64
N MET A 465 4.56 -7.92 -17.87
CA MET A 465 4.64 -6.76 -18.75
C MET A 465 3.32 -6.43 -19.43
N ASN A 466 2.59 -7.46 -19.86
CA ASN A 466 1.44 -7.28 -20.75
C ASN A 466 0.06 -7.63 -20.18
N ILE A 467 0.01 -8.44 -19.13
CA ILE A 467 -1.28 -8.82 -18.55
C ILE A 467 -1.58 -8.15 -17.21
N ALA A 468 -0.67 -8.29 -16.25
CA ALA A 468 -0.85 -7.76 -14.90
C ALA A 468 -1.25 -6.28 -14.83
N PRO A 469 -0.57 -5.39 -15.58
CA PRO A 469 -0.97 -3.99 -15.49
C PRO A 469 -2.40 -3.75 -16.00
N ALA A 470 -2.82 -4.52 -17.00
CA ALA A 470 -4.17 -4.43 -17.56
C ALA A 470 -5.23 -4.93 -16.58
N LEU A 471 -4.82 -5.84 -15.70
CA LEU A 471 -5.73 -6.42 -14.71
C LEU A 471 -6.05 -5.42 -13.61
N VAL A 472 -5.08 -4.58 -13.27
CA VAL A 472 -5.11 -3.80 -12.03
C VAL A 472 -5.21 -2.28 -12.26
N VAL A 473 -4.72 -1.81 -13.40
CA VAL A 473 -4.75 -0.38 -13.70
C VAL A 473 -5.72 -0.08 -14.85
N ASP A 474 -6.62 0.86 -14.61
CA ASP A 474 -7.65 1.30 -15.57
C ASP A 474 -8.58 0.18 -16.03
N SER A 475 -8.75 -0.83 -15.17
CA SER A 475 -9.69 -1.91 -15.46
C SER A 475 -11.08 -1.56 -14.93
N SER A 476 -11.65 -2.44 -14.11
CA SER A 476 -13.01 -2.23 -13.60
C SER A 476 -13.17 -2.68 -12.16
N CYS A 477 -14.32 -2.34 -11.58
CA CYS A 477 -14.71 -2.84 -10.27
C CYS A 477 -16.20 -3.11 -10.23
N LEU A 478 -16.60 -3.98 -9.31
CA LEU A 478 -17.99 -4.28 -9.09
C LEU A 478 -18.46 -3.63 -7.80
N ILE A 479 -19.33 -2.62 -7.92
CA ILE A 479 -19.95 -2.05 -6.74
C ILE A 479 -21.21 -2.84 -6.36
N MET A 480 -22.41 -2.40 -6.75
CA MET A 480 -23.62 -3.13 -6.36
C MET A 480 -23.79 -4.36 -7.26
N ASN A 481 -24.69 -4.28 -8.22
CA ASN A 481 -24.73 -5.25 -9.31
C ASN A 481 -24.11 -4.64 -10.57
N LEU A 482 -23.50 -3.47 -10.41
CA LEU A 482 -22.97 -2.72 -11.53
C LEU A 482 -21.47 -2.91 -11.68
N GLN A 483 -21.07 -3.34 -12.87
CA GLN A 483 -19.66 -3.42 -13.22
C GLN A 483 -19.23 -2.12 -13.91
N ILE A 484 -18.46 -1.32 -13.19
CA ILE A 484 -18.09 0.03 -13.62
C ILE A 484 -16.58 0.20 -13.73
N LYS A 485 -16.14 1.10 -14.61
CA LYS A 485 -14.72 1.34 -14.84
C LYS A 485 -14.04 1.93 -13.61
N THR A 486 -12.78 1.58 -13.40
CA THR A 486 -11.93 2.29 -12.45
C THR A 486 -10.92 3.12 -13.24
N TYR A 487 -10.56 4.29 -12.69
CA TYR A 487 -9.63 5.19 -13.35
C TYR A 487 -8.30 5.19 -12.62
N GLY A 488 -7.22 4.89 -13.35
CA GLY A 488 -5.92 4.70 -12.74
C GLY A 488 -5.88 3.37 -12.03
N GLN A 489 -4.99 3.22 -11.06
CA GLN A 489 -4.94 2.01 -10.26
C GLN A 489 -5.98 2.05 -9.15
N GLY A 490 -6.53 0.89 -8.81
CA GLY A 490 -7.43 0.78 -7.67
C GLY A 490 -6.71 0.99 -6.35
N SER A 491 -7.39 1.64 -5.41
CA SER A 491 -6.78 1.95 -4.12
C SER A 491 -6.67 0.71 -3.23
N GLY A 492 -5.60 -0.06 -3.43
CA GLY A 492 -5.13 -0.95 -2.39
C GLY A 492 -4.28 -0.08 -1.46
N ASN A 493 -3.29 -0.68 -0.83
CA ASN A 493 -2.30 0.08 -0.04
C ASN A 493 -0.94 -0.63 -0.03
N ALA A 494 -0.98 -1.96 -0.06
CA ALA A 494 0.20 -2.77 -0.26
C ALA A 494 0.46 -2.90 -1.76
N ALA A 495 -0.59 -3.26 -2.51
CA ALA A 495 -0.49 -3.50 -3.96
C ALA A 495 -0.08 -2.24 -4.74
N THR A 496 -0.43 -1.08 -4.18
CA THR A 496 -0.22 0.21 -4.85
C THR A 496 1.09 0.89 -4.48
N PHE A 497 1.85 0.32 -3.55
CA PHE A 497 3.06 0.96 -3.05
C PHE A 497 4.07 1.32 -4.14
N ILE A 498 4.46 0.33 -4.93
CA ILE A 498 5.53 0.49 -5.92
C ILE A 498 5.15 1.46 -7.04
N ASN A 499 3.89 1.40 -7.47
CA ASN A 499 3.38 2.33 -8.48
C ASN A 499 3.40 3.78 -8.01
N ASN A 500 2.94 4.02 -6.79
CA ASN A 500 2.96 5.35 -6.18
C ASN A 500 4.39 5.86 -5.97
N HIS A 501 5.24 4.99 -5.45
CA HIS A 501 6.65 5.33 -5.22
C HIS A 501 7.32 5.74 -6.51
N LEU A 502 6.96 5.07 -7.60
CA LEU A 502 7.45 5.40 -8.94
C LEU A 502 6.98 6.80 -9.34
N LEU A 503 5.69 7.05 -9.15
CA LEU A 503 5.09 8.34 -9.50
C LEU A 503 5.83 9.50 -8.80
N SER A 504 6.11 9.32 -7.52
CA SER A 504 6.84 10.32 -6.73
C SER A 504 8.28 10.47 -7.21
N THR A 505 8.87 9.35 -7.65
CA THR A 505 10.24 9.33 -8.16
C THR A 505 10.36 10.19 -9.42
N LEU A 506 9.32 10.19 -10.23
CA LEU A 506 9.26 11.03 -11.43
C LEU A 506 9.15 12.50 -11.07
N VAL A 507 8.33 12.79 -10.06
CA VAL A 507 8.20 14.15 -9.52
C VAL A 507 9.55 14.64 -9.01
N LEU A 508 10.29 13.74 -8.36
CA LEU A 508 11.64 14.03 -7.88
C LEU A 508 12.66 14.26 -9.00
N ASP A 509 12.60 13.43 -10.04
CA ASP A 509 13.45 13.61 -11.22
C ASP A 509 13.17 14.97 -11.86
N GLN A 510 11.88 15.27 -12.03
CA GLN A 510 11.44 16.51 -12.66
C GLN A 510 11.83 17.71 -11.82
N TRP A 511 11.80 17.54 -10.51
CA TRP A 511 12.23 18.55 -9.54
C TRP A 511 13.71 18.90 -9.72
N ASN A 512 14.53 17.88 -9.89
CA ASN A 512 15.96 18.05 -10.15
C ASN A 512 16.22 18.78 -11.48
N LEU A 513 15.51 18.37 -12.52
CA LEU A 513 15.72 18.92 -13.87
C LEU A 513 15.51 20.43 -13.98
N MET A 514 14.60 20.97 -13.16
CA MET A 514 14.40 22.42 -13.11
C MET A 514 15.04 23.05 -11.88
N ARG A 515 16.22 22.53 -11.53
CA ARG A 515 17.14 23.12 -10.54
C ARG A 515 16.59 23.20 -9.11
N GLN A 516 15.69 22.27 -8.78
CA GLN A 516 15.11 22.13 -7.46
C GLN A 516 14.45 23.40 -6.91
N PRO A 517 13.29 23.79 -7.50
CA PRO A 517 12.59 24.97 -7.00
C PRO A 517 11.95 24.75 -5.64
N ARG A 518 11.60 25.85 -4.96
CA ARG A 518 10.92 25.81 -3.68
C ARG A 518 9.51 25.22 -3.89
N PRO A 519 9.15 24.18 -3.12
CA PRO A 519 7.88 23.45 -3.30
C PRO A 519 6.63 24.32 -3.44
N ASP A 520 6.58 25.46 -2.76
CA ASP A 520 5.42 26.36 -2.83
C ASP A 520 5.40 27.25 -4.08
N SER A 521 6.50 27.28 -4.83
CA SER A 521 6.62 28.15 -6.00
C SER A 521 5.76 27.68 -7.19
N GLU A 522 5.64 28.56 -8.18
CA GLU A 522 4.91 28.27 -9.41
C GLU A 522 5.67 27.24 -10.26
N GLU A 523 7.00 27.33 -10.24
CA GLU A 523 7.86 26.41 -10.98
C GLU A 523 7.69 24.96 -10.52
N PHE A 524 7.57 24.76 -9.21
CA PHE A 524 7.36 23.43 -8.66
C PHE A 524 5.97 22.91 -9.05
N LYS A 525 4.98 23.79 -9.05
CA LYS A 525 3.61 23.41 -9.36
C LYS A 525 3.45 22.98 -10.82
N SER A 526 4.30 23.51 -11.69
CA SER A 526 4.26 23.17 -13.12
C SER A 526 4.77 21.76 -13.42
N ILE A 527 5.24 21.07 -12.38
CA ILE A 527 5.71 19.67 -12.51
C ILE A 527 4.53 18.74 -12.75
N GLU A 528 3.36 19.08 -12.21
CA GLU A 528 2.18 18.24 -12.39
C GLU A 528 1.55 18.37 -13.79
N ASP A 529 1.75 19.54 -14.40
CA ASP A 529 1.29 19.76 -15.78
C ASP A 529 2.19 19.02 -16.77
N LYS A 530 3.45 18.82 -16.38
CA LYS A 530 4.43 18.16 -17.23
C LYS A 530 4.35 16.63 -17.13
N LEU A 531 3.94 16.14 -15.97
CA LEU A 531 3.92 14.68 -15.72
C LEU A 531 2.52 14.08 -15.71
N GLY A 532 1.50 14.92 -15.51
CA GLY A 532 0.12 14.44 -15.42
C GLY A 532 -0.20 13.84 -14.06
N ILE A 533 0.69 14.08 -13.09
CA ILE A 533 0.54 13.60 -11.72
C ILE A 533 0.09 14.75 -10.83
N ASN A 534 -1.03 14.58 -10.13
CA ASN A 534 -1.53 15.61 -9.23
C ASN A 534 -0.86 15.53 -7.86
N PHE A 535 -0.49 16.69 -7.31
CA PHE A 535 0.06 16.76 -5.95
C PHE A 535 -0.26 18.08 -5.23
N LYS A 536 -0.08 18.08 -3.90
CA LYS A 536 -0.36 19.24 -3.07
C LYS A 536 0.50 19.22 -1.80
N ILE A 537 0.83 20.41 -1.29
CA ILE A 537 1.58 20.53 -0.03
C ILE A 537 0.65 20.34 1.16
N GLU A 538 0.82 19.24 1.88
CA GLU A 538 -0.04 18.91 3.03
C GLU A 538 0.26 19.80 4.23
N ARG A 539 1.54 20.12 4.40
CA ARG A 539 2.05 20.81 5.59
C ARG A 539 3.44 21.37 5.32
N SER A 540 3.75 22.49 5.95
CA SER A 540 5.10 23.05 5.87
C SER A 540 5.45 23.75 7.19
N ILE A 541 6.70 23.59 7.62
CA ILE A 541 7.17 24.21 8.85
C ILE A 541 8.36 25.13 8.56
N ASP A 542 8.15 26.43 8.71
CA ASP A 542 9.20 27.43 8.52
C ASP A 542 10.20 27.37 9.66
N ASP A 543 11.47 27.61 9.34
CA ASP A 543 12.56 27.60 10.33
C ASP A 543 12.62 26.24 11.04
N ILE A 544 12.72 25.18 10.24
CA ILE A 544 12.64 23.81 10.75
C ILE A 544 13.82 23.43 11.66
N ARG A 545 15.02 23.84 11.28
CA ARG A 545 16.22 23.49 12.04
C ARG A 545 16.24 24.16 13.41
N GLY A 546 15.83 25.42 13.47
CA GLY A 546 15.74 26.15 14.72
C GLY A 546 14.72 25.54 15.67
N LYS A 547 13.58 25.14 15.12
CA LYS A 547 12.51 24.52 15.90
C LYS A 547 12.89 23.17 16.46
N LEU A 548 13.62 22.39 15.67
CA LEU A 548 14.12 21.10 16.12
C LEU A 548 15.16 21.29 17.23
N ARG A 549 16.06 22.25 17.05
CA ARG A 549 17.10 22.50 18.04
C ARG A 549 16.50 22.95 19.37
N GLN A 550 15.44 23.76 19.28
CA GLN A 550 14.79 24.31 20.46
C GLN A 550 14.14 23.23 21.34
N LEU A 551 13.74 22.11 20.71
CA LEU A 551 13.18 20.97 21.44
C LEU A 551 14.10 20.45 22.54
N VAL A 552 15.41 20.62 22.32
CA VAL A 552 16.44 20.19 23.26
C VAL A 552 16.45 21.07 24.51
N LEU A 553 16.09 22.33 24.33
CA LEU A 553 16.12 23.29 25.42
C LEU A 553 14.82 23.30 26.19
N LEU A 554 13.71 23.12 25.50
CA LEU A 554 12.38 23.30 26.10
C LEU A 554 11.68 22.00 26.51
N ALA A 555 12.45 20.90 26.50
CA ALA A 555 11.94 19.59 26.89
C ALA A 555 11.54 19.56 28.36
N GLN A 556 10.32 19.11 28.61
CA GLN A 556 9.73 19.06 29.95
C GLN A 556 10.04 17.76 30.66
N PRO A 557 9.88 17.73 32.00
CA PRO A 557 9.93 16.46 32.72
C PRO A 557 8.86 15.50 32.19
N GLY A 558 9.18 14.21 32.15
CA GLY A 558 8.28 13.20 31.60
C GLY A 558 8.84 11.80 31.81
N TYR A 559 8.28 10.84 31.08
CA TYR A 559 8.76 9.46 31.16
C TYR A 559 10.18 9.32 30.63
N LEU A 560 10.49 10.09 29.58
CA LEU A 560 11.80 10.03 28.93
C LEU A 560 12.71 11.21 29.29
N SER A 561 12.32 11.95 30.32
CA SER A 561 13.13 13.05 30.85
C SER A 561 12.87 13.21 32.34
N GLY A 562 13.60 12.45 33.15
CA GLY A 562 13.42 12.45 34.60
C GLY A 562 12.73 11.19 35.08
N GLY A 563 12.10 10.48 34.16
CA GLY A 563 11.45 9.19 34.44
C GLY A 563 10.27 9.31 35.37
N VAL A 564 9.45 10.34 35.17
CA VAL A 564 8.31 10.63 36.04
C VAL A 564 7.03 10.80 35.22
N GLU A 565 5.89 10.73 35.89
CA GLU A 565 4.60 10.95 35.25
C GLU A 565 4.44 12.44 34.96
N PRO A 566 4.26 12.81 33.67
CA PRO A 566 4.31 14.21 33.26
C PRO A 566 3.16 15.08 33.79
N GLU A 567 3.53 16.20 34.41
CA GLU A 567 2.57 17.24 34.78
C GLU A 567 2.16 18.05 33.56
N GLN A 568 3.08 18.18 32.62
CA GLN A 568 2.88 19.01 31.44
C GLN A 568 3.39 18.32 30.17
N SER A 569 2.73 18.61 29.06
CA SER A 569 3.16 18.12 27.75
C SER A 569 4.49 18.72 27.35
N SER A 570 5.38 17.86 26.85
CA SER A 570 6.69 18.29 26.34
C SER A 570 6.58 18.60 24.84
N PRO A 571 7.17 19.73 24.40
CA PRO A 571 7.08 20.23 23.03
C PRO A 571 7.50 19.23 21.97
N THR A 572 6.90 19.35 20.79
CA THR A 572 7.24 18.50 19.65
C THR A 572 7.27 19.36 18.39
N VAL A 573 7.97 18.89 17.35
CA VAL A 573 7.82 19.43 16.01
C VAL A 573 6.97 18.43 15.25
N GLU A 574 5.84 18.90 14.73
CA GLU A 574 4.88 18.03 14.04
C GLU A 574 5.29 17.81 12.59
N LEU A 575 6.26 16.91 12.40
CA LEU A 575 6.81 16.60 11.08
C LEU A 575 5.81 15.85 10.20
N ASP A 576 4.95 15.04 10.83
CA ASP A 576 4.10 14.08 10.14
C ASP A 576 4.94 13.16 9.25
N LEU A 577 6.14 12.83 9.70
CA LEU A 577 7.02 11.94 8.97
C LEU A 577 6.46 10.53 9.10
N LEU A 578 5.79 10.08 8.05
CA LEU A 578 4.98 8.86 8.09
C LEU A 578 4.15 8.84 9.37
N GLY A 579 3.50 9.97 9.64
CA GLY A 579 2.60 10.14 10.79
C GLY A 579 3.29 10.37 12.12
N TRP A 580 4.60 10.62 12.10
CA TRP A 580 5.37 10.75 13.34
C TRP A 580 5.93 12.14 13.58
N SER A 581 5.98 12.53 14.86
CA SER A 581 6.54 13.81 15.27
C SER A 581 7.84 13.62 16.05
N ALA A 582 8.53 14.71 16.32
CA ALA A 582 9.80 14.67 17.02
C ALA A 582 9.78 15.41 18.35
N THR A 583 10.16 14.71 19.42
CA THR A 583 10.42 15.34 20.70
C THR A 583 11.79 14.86 21.22
N TYR A 584 12.37 15.57 22.18
CA TYR A 584 13.70 15.24 22.68
C TYR A 584 13.65 14.56 24.04
N SER A 585 14.44 13.49 24.18
CA SER A 585 14.52 12.76 25.44
C SER A 585 15.82 13.10 26.16
N LYS A 586 15.70 13.58 27.39
CA LYS A 586 16.87 13.91 28.21
C LYS A 586 17.52 12.66 28.83
N ASP A 587 16.70 11.64 29.10
CA ASP A 587 17.21 10.37 29.62
C ASP A 587 18.08 9.65 28.59
N LEU A 588 17.66 9.70 27.34
CA LEU A 588 18.38 9.01 26.26
C LEU A 588 19.32 9.92 25.48
N GLY A 589 19.11 11.24 25.60
CA GLY A 589 19.94 12.24 24.92
C GLY A 589 19.71 12.33 23.41
N ILE A 590 18.57 11.83 22.97
CA ILE A 590 18.24 11.76 21.53
C ILE A 590 16.78 12.10 21.27
N TYR A 591 16.47 12.42 20.02
CA TYR A 591 15.08 12.64 19.62
C TYR A 591 14.31 11.31 19.58
N VAL A 592 13.09 11.33 20.09
CA VAL A 592 12.24 10.13 20.12
C VAL A 592 10.87 10.44 19.51
N PRO A 593 10.23 9.43 18.87
CA PRO A 593 8.95 9.67 18.19
C PRO A 593 7.75 9.81 19.13
N VAL A 594 6.82 10.66 18.70
CA VAL A 594 5.48 10.79 19.28
C VAL A 594 4.52 10.84 18.10
N LEU A 595 3.44 10.08 18.15
CA LEU A 595 2.46 10.09 17.07
C LEU A 595 1.89 11.49 16.86
N ASP A 596 1.78 11.89 15.59
CA ASP A 596 1.14 13.15 15.20
C ASP A 596 -0.07 13.45 16.08
N LYS A 597 -0.11 14.66 16.64
CA LYS A 597 -1.09 15.02 17.67
C LYS A 597 -2.53 14.85 17.21
N GLU A 598 -2.85 15.35 16.02
CA GLU A 598 -4.18 15.21 15.44
C GLU A 598 -4.57 13.75 15.26
N ARG A 599 -3.65 12.95 14.71
CA ARG A 599 -3.85 11.52 14.56
C ARG A 599 -4.14 10.86 15.91
N LEU A 600 -3.33 11.21 16.91
CA LEU A 600 -3.43 10.62 18.25
C LEU A 600 -4.80 10.86 18.86
N PHE A 601 -5.29 12.10 18.77
CA PHE A 601 -6.57 12.47 19.36
C PHE A 601 -7.75 12.06 18.47
N CYS A 602 -7.48 11.85 17.19
CA CYS A 602 -8.47 11.30 16.26
C CYS A 602 -8.73 9.82 16.58
N SER A 603 -7.67 9.11 16.92
CA SER A 603 -7.76 7.71 17.36
C SER A 603 -8.43 7.59 18.71
N ALA A 604 -8.10 8.51 19.62
CA ALA A 604 -8.60 8.49 20.98
C ALA A 604 -10.12 8.68 21.05
N ALA A 605 -10.64 9.51 20.16
CA ALA A 605 -12.06 9.85 20.12
C ALA A 605 -12.93 8.71 19.62
N TYR A 606 -12.50 8.09 18.52
CA TYR A 606 -13.23 6.97 17.94
C TYR A 606 -12.35 5.73 17.80
N PRO A 607 -12.46 4.81 18.76
CA PRO A 607 -11.76 3.53 18.65
C PRO A 607 -12.35 2.66 17.53
N LYS A 608 -11.53 1.79 16.95
CA LYS A 608 -12.00 0.82 15.97
C LYS A 608 -12.79 -0.27 16.68
N GLY A 609 -13.69 -0.92 15.94
CA GLY A 609 -14.53 -1.97 16.50
C GLY A 609 -13.77 -3.23 16.82
N VAL A 610 -14.38 -4.12 17.59
CA VAL A 610 -13.80 -5.42 17.89
C VAL A 610 -13.65 -6.23 16.59
N GLU A 611 -14.75 -6.34 15.84
CA GLU A 611 -14.83 -7.09 14.57
C GLU A 611 -14.90 -8.61 14.74
N ASN A 612 -16.12 -9.12 14.89
CA ASN A 612 -16.43 -10.55 15.09
C ASN A 612 -15.93 -11.14 16.42
N LYS A 613 -16.88 -11.62 17.23
CA LYS A 613 -16.58 -12.26 18.51
C LYS A 613 -17.49 -13.48 18.74
N SER A 614 -17.00 -14.67 18.39
CA SER A 614 -17.77 -15.91 18.50
C SER A 614 -17.80 -16.47 19.93
N LEU A 615 -17.57 -17.78 20.07
CA LEU A 615 -17.66 -18.49 21.36
C LEU A 615 -16.57 -18.10 22.39
N LYS A 616 -15.49 -17.48 21.91
CA LYS A 616 -14.38 -17.05 22.76
C LYS A 616 -14.80 -16.06 23.85
N SER A 617 -15.13 -16.60 25.03
CA SER A 617 -15.55 -15.83 26.21
C SER A 617 -16.80 -14.98 25.95
N LYS A 618 -17.03 -13.99 26.81
CA LYS A 618 -18.13 -13.03 26.65
C LYS A 618 -17.78 -11.68 27.27
N VAL A 619 -17.89 -11.58 28.60
CA VAL A 619 -17.63 -10.34 29.32
C VAL A 619 -16.14 -9.96 29.37
N GLY A 620 -15.28 -10.98 29.29
CA GLY A 620 -13.83 -10.79 29.36
C GLY A 620 -13.21 -10.10 28.16
N ILE A 621 -13.68 -10.45 26.96
CA ILE A 621 -13.12 -9.94 25.70
C ILE A 621 -13.27 -8.42 25.54
N GLU A 622 -14.45 -7.90 25.87
CA GLU A 622 -14.74 -6.47 25.79
C GLU A 622 -13.78 -5.64 26.66
N GLN A 623 -13.54 -6.12 27.88
CA GLN A 623 -12.61 -5.48 28.82
C GLN A 623 -11.16 -5.63 28.35
N ALA A 624 -10.81 -6.81 27.87
CA ALA A 624 -9.46 -7.13 27.44
C ALA A 624 -8.98 -6.24 26.29
N TYR A 625 -9.89 -6.00 25.34
CA TYR A 625 -9.60 -5.11 24.21
C TYR A 625 -9.37 -3.66 24.63
N LYS A 626 -9.99 -3.26 25.74
CA LYS A 626 -9.82 -1.92 26.27
C LYS A 626 -8.44 -1.71 26.88
N VAL A 627 -7.90 -2.75 27.51
CA VAL A 627 -6.52 -2.73 27.98
C VAL A 627 -5.59 -2.49 26.80
N VAL A 628 -5.80 -3.24 25.72
CA VAL A 628 -5.04 -3.07 24.48
C VAL A 628 -5.18 -1.64 23.95
N ARG A 629 -6.44 -1.19 23.80
CA ARG A 629 -6.75 0.13 23.29
C ARG A 629 -6.03 1.27 24.03
N TYR A 630 -6.19 1.30 25.35
CA TYR A 630 -5.69 2.41 26.16
C TYR A 630 -4.18 2.41 26.34
N GLU A 631 -3.60 1.23 26.54
CA GLU A 631 -2.15 1.12 26.68
C GLU A 631 -1.41 1.41 25.37
N ALA A 632 -1.97 0.96 24.25
CA ALA A 632 -1.37 1.20 22.93
C ALA A 632 -1.42 2.67 22.55
N LEU A 633 -2.46 3.37 22.99
CA LEU A 633 -2.57 4.82 22.80
C LEU A 633 -1.45 5.57 23.52
N ARG A 634 -1.21 5.18 24.77
CA ARG A 634 -0.13 5.76 25.54
C ARG A 634 1.19 5.53 24.83
N LEU A 635 1.40 4.30 24.39
CA LEU A 635 2.67 3.86 23.81
C LEU A 635 3.08 4.61 22.56
N VAL A 636 2.12 4.93 21.68
CA VAL A 636 2.45 5.60 20.41
C VAL A 636 2.76 7.08 20.56
N GLY A 637 2.28 7.68 21.65
CA GLY A 637 2.53 9.09 21.91
C GLY A 637 1.65 9.69 22.97
N GLY A 638 0.72 8.90 23.50
CA GLY A 638 -0.15 9.34 24.58
C GLY A 638 0.63 9.66 25.84
N TRP A 639 1.79 9.04 25.98
CA TRP A 639 2.66 9.24 27.13
C TRP A 639 3.14 10.68 27.28
N ASN A 640 3.13 11.42 26.17
CA ASN A 640 3.55 12.82 26.19
C ASN A 640 2.46 13.81 26.63
N TYR A 641 1.22 13.35 26.70
CA TYR A 641 0.07 14.23 26.95
C TYR A 641 -0.64 13.94 28.28
N PRO A 642 -0.32 14.74 29.32
CA PRO A 642 -0.58 14.46 30.74
C PRO A 642 -2.00 13.98 31.06
N LEU A 643 -3.01 14.66 30.53
CA LEU A 643 -4.40 14.24 30.75
C LEU A 643 -4.76 12.98 29.99
N LEU A 644 -4.34 12.89 28.72
CA LEU A 644 -4.60 11.70 27.91
C LEU A 644 -3.86 10.48 28.47
N ASN A 645 -2.60 10.68 28.85
CA ASN A 645 -1.76 9.64 29.45
C ASN A 645 -2.38 9.10 30.74
N LYS A 646 -2.81 10.01 31.61
CA LYS A 646 -3.32 9.64 32.93
C LYS A 646 -4.72 9.00 32.85
N ALA A 647 -5.55 9.51 31.96
CA ALA A 647 -6.89 8.97 31.76
C ALA A 647 -6.86 7.58 31.15
N CYS A 648 -5.98 7.39 30.17
CA CYS A 648 -5.77 6.07 29.58
C CYS A 648 -5.27 5.07 30.61
N LYS A 649 -4.31 5.51 31.43
CA LYS A 649 -3.70 4.67 32.45
C LYS A 649 -4.74 4.18 33.45
N ASN A 650 -5.61 5.09 33.88
CA ASN A 650 -6.67 4.75 34.82
C ASN A 650 -7.69 3.80 34.24
N ASN A 651 -8.15 4.10 33.02
CA ASN A 651 -9.12 3.26 32.31
C ASN A 651 -8.59 1.85 32.03
N ALA A 652 -7.34 1.77 31.60
CA ALA A 652 -6.68 0.49 31.37
C ALA A 652 -6.50 -0.26 32.69
N GLY A 653 -6.05 0.44 33.72
CA GLY A 653 -5.86 -0.14 35.05
C GLY A 653 -7.15 -0.66 35.65
N ALA A 654 -8.25 0.01 35.32
CA ALA A 654 -9.59 -0.37 35.77
C ALA A 654 -10.03 -1.69 35.14
N ALA A 655 -9.80 -1.83 33.84
CA ALA A 655 -10.12 -3.07 33.12
C ALA A 655 -9.17 -4.19 33.57
N ARG A 656 -7.91 -3.86 33.78
CA ARG A 656 -6.89 -4.82 34.20
C ARG A 656 -7.22 -5.45 35.56
N ARG A 657 -7.60 -4.62 36.53
CA ARG A 657 -7.99 -5.10 37.86
C ARG A 657 -9.27 -5.94 37.84
N HIS A 658 -10.21 -5.53 37.01
CA HIS A 658 -11.49 -6.25 36.85
C HIS A 658 -11.26 -7.67 36.35
N LEU A 659 -10.45 -7.80 35.29
CA LEU A 659 -10.12 -9.09 34.71
C LEU A 659 -9.29 -9.97 35.65
N GLU A 660 -8.34 -9.35 36.36
CA GLU A 660 -7.46 -10.06 37.30
C GLU A 660 -8.23 -10.69 38.46
N ALA A 661 -9.32 -10.03 38.87
CA ALA A 661 -10.21 -10.57 39.89
C ALA A 661 -11.15 -11.62 39.30
N LYS A 662 -11.40 -11.53 38.00
CA LYS A 662 -12.28 -12.46 37.30
C LYS A 662 -11.54 -13.73 36.88
N GLY A 663 -10.21 -13.68 36.88
CA GLY A 663 -9.37 -14.83 36.54
C GLY A 663 -9.13 -15.05 35.06
N PHE A 664 -9.18 -13.95 34.30
CA PHE A 664 -9.00 -13.97 32.85
C PHE A 664 -7.51 -14.19 32.50
N PRO A 665 -7.22 -15.09 31.53
CA PRO A 665 -5.84 -15.29 31.07
C PRO A 665 -5.36 -14.12 30.21
N LEU A 666 -5.13 -12.98 30.87
CA LEU A 666 -4.76 -11.74 30.19
C LEU A 666 -3.35 -11.78 29.59
N ASP A 667 -2.45 -12.47 30.29
CA ASP A 667 -1.08 -12.65 29.82
C ASP A 667 -1.05 -13.40 28.50
N GLU A 668 -1.75 -14.54 28.45
CA GLU A 668 -1.87 -15.34 27.24
C GLU A 668 -2.59 -14.58 26.13
N PHE A 669 -3.50 -13.68 26.53
CA PHE A 669 -4.22 -12.82 25.59
C PHE A 669 -3.27 -11.85 24.90
N LEU A 670 -2.45 -11.17 25.70
CA LEU A 670 -1.54 -10.13 25.20
C LEU A 670 -0.28 -10.67 24.52
N ALA A 671 -0.21 -11.99 24.36
CA ALA A 671 0.96 -12.67 23.77
C ALA A 671 1.35 -12.11 22.41
N GLU A 672 0.36 -11.78 21.58
CA GLU A 672 0.59 -11.07 20.33
C GLU A 672 -0.37 -9.89 20.22
N TRP A 673 -0.29 -8.96 21.17
CA TRP A 673 -1.17 -7.80 21.18
C TRP A 673 -0.99 -6.94 19.93
N SER A 674 0.16 -7.10 19.28
CA SER A 674 0.49 -6.41 18.04
C SER A 674 -0.58 -6.56 16.96
N GLU A 675 -1.18 -7.74 16.88
CA GLU A 675 -2.21 -8.04 15.88
C GLU A 675 -3.55 -7.41 16.26
N LEU A 676 -3.73 -7.15 17.55
CA LEU A 676 -5.00 -6.69 18.09
C LEU A 676 -5.13 -5.16 18.07
N SER A 677 -4.03 -4.45 17.93
CA SER A 677 -4.03 -2.98 17.94
C SER A 677 -3.86 -2.38 16.55
N GLU A 678 -4.48 -1.22 16.34
CA GLU A 678 -4.38 -0.50 15.07
C GLU A 678 -3.00 0.13 14.86
N PHE A 679 -2.21 0.15 15.92
CA PHE A 679 -0.86 0.70 15.87
C PHE A 679 0.19 -0.42 15.88
N GLY A 680 -0.28 -1.66 15.90
CA GLY A 680 0.57 -2.83 16.04
C GLY A 680 1.67 -3.01 15.02
N GLU A 681 1.49 -2.45 13.82
CA GLU A 681 2.47 -2.60 12.74
C GLU A 681 3.87 -2.12 13.12
N ALA A 682 3.93 -0.98 13.80
CA ALA A 682 5.19 -0.37 14.19
C ALA A 682 5.93 -1.17 15.26
N PHE A 683 5.23 -2.10 15.91
CA PHE A 683 5.81 -2.89 17.00
C PHE A 683 5.93 -4.36 16.63
N GLU A 684 5.98 -4.64 15.33
CA GLU A 684 5.99 -6.02 14.84
C GLU A 684 7.37 -6.65 14.98
N GLY A 685 7.40 -7.83 15.58
CA GLY A 685 8.66 -8.56 15.81
C GLY A 685 9.51 -7.98 16.92
N PHE A 686 8.99 -6.98 17.62
CA PHE A 686 9.68 -6.31 18.72
C PHE A 686 9.64 -7.12 20.01
N ASN A 687 8.63 -7.99 20.11
CA ASN A 687 8.43 -8.90 21.25
C ASN A 687 8.48 -8.21 22.62
N ILE A 688 7.86 -7.04 22.71
CA ILE A 688 7.82 -6.27 23.96
C ILE A 688 6.40 -6.18 24.54
N LYS A 689 6.32 -6.22 25.87
CA LYS A 689 5.05 -6.20 26.59
C LYS A 689 4.37 -4.84 26.53
N LEU A 690 3.04 -4.85 26.66
CA LEU A 690 2.26 -3.62 26.82
C LEU A 690 2.33 -3.14 28.27
N THR A 691 3.16 -2.14 28.52
CA THR A 691 3.35 -1.64 29.88
C THR A 691 3.31 -0.11 29.97
N VAL A 692 4.01 0.55 29.05
CA VAL A 692 4.17 2.02 29.06
C VAL A 692 4.64 2.54 30.43
N THR A 693 5.88 2.20 30.76
CA THR A 693 6.55 2.74 31.93
C THR A 693 7.75 3.54 31.42
N SER A 694 8.55 4.05 32.36
CA SER A 694 9.77 4.77 32.02
C SER A 694 10.77 3.83 31.31
N GLU A 695 10.88 2.61 31.83
CA GLU A 695 11.81 1.61 31.32
C GLU A 695 11.43 1.13 29.92
N SER A 696 10.17 0.74 29.75
CA SER A 696 9.68 0.22 28.48
C SER A 696 9.83 1.23 27.35
N LEU A 697 9.55 2.50 27.67
CA LEU A 697 9.69 3.58 26.69
C LEU A 697 11.15 3.85 26.33
N ALA A 698 12.04 3.72 27.31
CA ALA A 698 13.46 3.90 27.07
C ALA A 698 14.01 2.73 26.26
N GLU A 699 13.56 1.52 26.59
CA GLU A 699 13.95 0.29 25.88
C GLU A 699 13.50 0.33 24.42
N LEU A 700 12.28 0.82 24.20
CA LEU A 700 11.69 0.95 22.87
C LEU A 700 12.47 1.92 21.97
N ASN A 701 13.18 2.85 22.59
CA ASN A 701 13.88 3.91 21.86
C ASN A 701 15.41 3.82 21.84
N LYS A 702 15.98 2.95 22.68
CA LYS A 702 17.42 2.75 22.75
C LYS A 702 17.98 2.41 21.37
N PRO A 703 18.88 3.26 20.83
CA PRO A 703 19.42 3.08 19.48
C PRO A 703 20.04 1.71 19.22
N VAL A 704 19.72 1.15 18.06
CA VAL A 704 20.28 -0.11 17.59
C VAL A 704 20.83 0.14 16.19
N PRO A 705 22.05 -0.33 15.91
CA PRO A 705 22.59 -0.24 14.55
C PRO A 705 21.59 -0.67 13.48
N PRO A 706 21.44 0.14 12.41
CA PRO A 706 20.56 -0.17 11.27
C PRO A 706 20.96 -1.45 10.56
N LYS A 707 19.96 -2.15 10.02
CA LYS A 707 20.19 -3.40 9.28
C LYS A 707 21.05 -3.15 8.05
N PRO A 708 22.02 -4.06 7.77
CA PRO A 708 22.86 -3.93 6.58
C PRO A 708 22.03 -3.97 5.30
N PRO A 709 22.37 -3.13 4.32
CA PRO A 709 21.60 -3.05 3.08
C PRO A 709 21.75 -4.31 2.22
N ASN A 710 20.68 -4.64 1.49
CA ASN A 710 20.68 -5.79 0.60
C ASN A 710 20.33 -5.37 -0.82
N VAL A 711 21.35 -5.05 -1.60
CA VAL A 711 21.15 -4.64 -3.00
C VAL A 711 21.80 -5.67 -3.93
N ASN A 712 21.04 -6.14 -4.93
CA ASN A 712 21.48 -7.16 -5.88
C ASN A 712 22.67 -6.72 -6.74
N ARG A 713 22.83 -5.41 -6.86
CA ARG A 713 23.92 -4.81 -7.63
C ARG A 713 24.79 -3.93 -6.73
N PRO A 714 26.04 -3.64 -7.16
CA PRO A 714 26.91 -2.71 -6.44
C PRO A 714 26.15 -1.45 -6.01
N VAL A 715 26.29 -1.07 -4.74
CA VAL A 715 25.51 0.03 -4.15
C VAL A 715 25.83 1.39 -4.80
N ASN A 716 24.78 2.08 -5.22
CA ASN A 716 24.89 3.42 -5.78
C ASN A 716 24.76 4.47 -4.68
N THR A 717 25.74 5.36 -4.60
CA THR A 717 25.80 6.35 -3.51
C THR A 717 25.84 7.80 -4.02
N GLY A 718 25.63 7.98 -5.33
CA GLY A 718 25.70 9.29 -5.96
C GLY A 718 24.54 10.23 -5.64
N GLY A 719 23.44 9.67 -5.14
CA GLY A 719 22.23 10.44 -4.92
C GLY A 719 21.45 10.59 -6.21
N LEU A 720 20.21 11.06 -6.09
CA LEU A 720 19.30 11.17 -7.23
C LEU A 720 19.67 12.31 -8.18
N LYS A 721 20.05 13.46 -7.61
CA LYS A 721 20.38 14.67 -8.37
C LYS A 721 21.34 14.41 -9.54
N ALA A 722 22.36 13.60 -9.29
CA ALA A 722 23.37 13.26 -10.28
C ALA A 722 22.80 12.37 -11.39
N VAL A 723 21.99 11.39 -11.00
CA VAL A 723 21.39 10.44 -11.94
C VAL A 723 20.43 11.16 -12.90
N SER A 724 19.75 12.19 -12.39
CA SER A 724 18.82 12.97 -13.20
C SER A 724 19.53 13.70 -14.35
N ASN A 725 20.72 14.22 -14.09
CA ASN A 725 21.48 14.95 -15.10
C ASN A 725 22.16 14.05 -16.11
N ALA A 726 22.63 12.89 -15.65
CA ALA A 726 23.23 11.90 -16.54
C ALA A 726 22.20 11.37 -17.52
N LEU A 727 20.94 11.39 -17.11
CA LEU A 727 19.83 10.87 -17.90
C LEU A 727 19.27 11.89 -18.90
N LYS A 728 19.35 13.17 -18.56
CA LYS A 728 18.81 14.24 -19.41
C LYS A 728 19.57 14.40 -20.73
N THR A 729 20.83 13.95 -20.73
CA THR A 729 21.70 14.01 -21.91
C THR A 729 21.20 13.11 -23.03
N GLY A 730 20.52 12.02 -22.65
CA GLY A 730 19.98 11.06 -23.61
C GLY A 730 20.85 9.82 -23.74
N ARG A 731 22.11 9.95 -23.34
CA ARG A 731 23.07 8.86 -23.42
C ARG A 731 23.18 8.17 -22.06
N TYR A 732 22.84 6.88 -22.02
CA TYR A 732 22.99 6.05 -20.81
C TYR A 732 23.09 4.56 -21.15
N ARG A 733 23.85 3.84 -20.32
CA ARG A 733 24.15 2.42 -20.53
C ARG A 733 22.95 1.52 -20.19
N ASN A 734 22.77 0.45 -20.97
CA ASN A 734 21.75 -0.57 -20.68
C ASN A 734 22.17 -1.45 -19.51
N GLU A 735 21.92 -0.97 -18.30
CA GLU A 735 22.37 -1.65 -17.09
C GLU A 735 21.40 -2.71 -16.59
N ALA A 736 20.45 -3.05 -17.46
CA ALA A 736 19.51 -4.13 -17.21
C ALA A 736 20.09 -5.46 -17.63
N GLY A 737 21.01 -5.41 -18.60
CA GLY A 737 21.59 -6.60 -19.18
C GLY A 737 20.67 -7.21 -20.21
N LEU A 738 20.82 -8.52 -20.43
CA LEU A 738 20.00 -9.27 -21.38
C LEU A 738 18.52 -9.24 -21.00
N SER A 739 18.21 -9.45 -19.72
CA SER A 739 16.84 -9.51 -19.25
C SER A 739 16.03 -8.26 -19.60
N GLY A 740 16.70 -7.11 -19.63
CA GLY A 740 16.08 -5.86 -20.03
C GLY A 740 15.68 -5.84 -21.49
N LEU A 741 16.54 -6.44 -22.33
CA LEU A 741 16.28 -6.55 -23.76
C LEU A 741 15.17 -7.56 -24.04
N VAL A 742 15.10 -8.60 -23.20
CA VAL A 742 14.01 -9.58 -23.25
C VAL A 742 12.67 -8.92 -22.95
N LEU A 743 12.65 -8.06 -21.93
CA LEU A 743 11.43 -7.39 -21.51
C LEU A 743 11.01 -6.25 -22.45
N LEU A 744 11.97 -5.64 -23.14
CA LEU A 744 11.67 -4.62 -24.15
C LEU A 744 11.02 -5.26 -25.37
N ALA A 745 11.51 -6.45 -25.72
CA ALA A 745 10.97 -7.21 -26.85
C ALA A 745 9.55 -7.69 -26.56
N THR A 746 9.33 -8.19 -25.35
CA THR A 746 8.03 -8.72 -24.91
C THR A 746 6.97 -7.62 -24.91
N ALA A 747 7.35 -6.44 -24.44
CA ALA A 747 6.46 -5.29 -24.41
C ALA A 747 6.19 -4.76 -25.81
N ARG A 748 7.24 -4.65 -26.62
CA ARG A 748 7.19 -3.93 -27.90
C ARG A 748 6.72 -4.78 -29.08
N SER A 749 6.55 -6.08 -28.85
CA SER A 749 6.01 -6.98 -29.86
C SER A 749 4.61 -7.47 -29.50
N ARG A 750 4.07 -8.38 -30.31
CA ARG A 750 2.71 -8.89 -30.10
C ARG A 750 2.66 -9.85 -28.92
N LEU A 751 1.46 -10.07 -28.38
CA LEU A 751 1.28 -10.87 -27.18
C LEU A 751 1.66 -12.34 -27.40
N GLN A 752 1.11 -12.93 -28.46
CA GLN A 752 1.28 -14.36 -28.72
C GLN A 752 2.67 -14.73 -29.24
N ASP A 753 3.43 -13.72 -29.66
CA ASP A 753 4.79 -13.91 -30.18
C ASP A 753 5.85 -13.65 -29.12
N ALA A 754 5.52 -13.93 -27.86
CA ALA A 754 6.41 -13.65 -26.73
C ALA A 754 7.64 -14.55 -26.70
N VAL A 755 7.50 -15.80 -27.12
CA VAL A 755 8.62 -16.74 -27.13
C VAL A 755 9.61 -16.44 -28.27
N LYS A 756 9.09 -15.85 -29.34
CA LYS A 756 9.92 -15.37 -30.45
C LYS A 756 10.66 -14.10 -30.05
N ALA A 757 10.00 -13.28 -29.22
CA ALA A 757 10.55 -12.01 -28.76
C ALA A 757 11.82 -12.20 -27.95
N LYS A 758 11.81 -13.16 -27.03
CA LYS A 758 12.99 -13.47 -26.23
C LYS A 758 14.17 -13.87 -27.13
N ALA A 759 13.88 -14.76 -28.08
CA ALA A 759 14.89 -15.28 -29.00
C ALA A 759 15.57 -14.19 -29.82
N GLU A 760 14.77 -13.23 -30.32
CA GLU A 760 15.27 -12.15 -31.15
C GLU A 760 16.13 -11.17 -30.35
N ALA A 761 15.80 -11.02 -29.06
CA ALA A 761 16.59 -10.20 -28.14
C ALA A 761 17.90 -10.88 -27.77
N GLU A 762 17.95 -12.21 -27.88
CA GLU A 762 19.16 -12.98 -27.62
C GLU A 762 20.09 -12.99 -28.82
N LYS A 763 19.52 -12.88 -30.02
CA LYS A 763 20.31 -12.66 -31.23
C LYS A 763 21.09 -11.36 -31.15
N LEU A 764 20.49 -10.35 -30.51
CA LEU A 764 21.13 -9.06 -30.31
C LEU A 764 22.22 -9.15 -29.24
N HIS A 765 21.92 -9.84 -28.15
CA HIS A 765 22.85 -9.95 -27.02
C HIS A 765 24.17 -10.66 -27.36
N LYS A 766 24.10 -11.64 -28.28
CA LYS A 766 25.28 -12.39 -28.70
C LYS A 766 26.29 -11.56 -29.50
N SER A 767 25.82 -10.48 -30.11
CA SER A 767 26.70 -9.51 -30.77
C SER A 767 27.10 -8.40 -29.79
N LYS A 768 28.38 -8.42 -29.39
CA LYS A 768 28.90 -7.48 -28.39
C LYS A 768 29.15 -6.08 -28.96
N PRO A 769 28.49 -5.09 -28.35
CA PRO A 769 28.60 -3.69 -28.76
C PRO A 769 29.91 -3.07 -28.31
N ASP A 773 24.89 -2.35 -22.36
CA ASP A 773 26.05 -2.16 -23.22
C ASP A 773 26.24 -0.69 -23.59
N ALA A 774 27.23 -0.42 -24.45
CA ALA A 774 27.54 0.94 -24.91
C ALA A 774 26.31 1.66 -25.50
N ASP A 775 25.63 2.40 -24.64
CA ASP A 775 24.39 3.14 -24.96
C ASP A 775 23.16 2.24 -25.07
N TRP A 776 22.07 2.68 -24.44
CA TRP A 776 20.81 1.95 -24.41
C TRP A 776 19.95 2.25 -25.65
N PHE A 777 19.95 3.50 -26.08
CA PHE A 777 19.09 3.97 -27.18
C PHE A 777 19.49 3.38 -28.54
N GLU A 778 20.79 3.32 -28.82
CA GLU A 778 21.30 2.71 -30.06
C GLU A 778 21.12 1.20 -30.04
N ARG A 779 20.93 0.66 -28.83
CA ARG A 779 20.66 -0.74 -28.62
C ARG A 779 19.17 -1.04 -28.75
N SER A 780 18.35 -0.14 -28.21
CA SER A 780 16.89 -0.27 -28.21
C SER A 780 16.28 -0.15 -29.61
N GLU A 781 16.92 0.62 -30.47
CA GLU A 781 16.40 0.88 -31.80
C GLU A 781 16.71 -0.25 -32.78
N THR A 782 17.89 -0.83 -32.64
CA THR A 782 18.27 -1.98 -33.48
C THR A 782 17.51 -3.25 -33.07
N LEU A 783 16.89 -3.21 -31.89
CA LEU A 783 16.01 -4.29 -31.45
C LEU A 783 14.63 -4.14 -32.09
N SER A 784 14.15 -2.90 -32.16
CA SER A 784 12.85 -2.60 -32.77
C SER A 784 12.82 -2.91 -34.26
N ASP A 785 13.99 -2.81 -34.91
CA ASP A 785 14.14 -3.21 -36.31
C ASP A 785 14.08 -4.73 -36.44
N LEU A 786 14.74 -5.43 -35.51
CA LEU A 786 14.75 -6.89 -35.49
C LEU A 786 13.35 -7.47 -35.28
N LEU A 787 12.53 -6.77 -34.50
CA LEU A 787 11.14 -7.15 -34.29
C LEU A 787 10.31 -6.89 -35.55
N GLU A 788 10.68 -5.85 -36.30
CA GLU A 788 10.02 -5.54 -37.57
C GLU A 788 10.46 -6.50 -38.68
N LYS A 789 11.68 -7.05 -38.55
CA LYS A 789 12.20 -8.06 -39.48
C LYS A 789 11.46 -9.39 -39.39
N ALA A 790 10.94 -9.69 -38.20
CA ALA A 790 10.21 -10.94 -37.96
C ALA A 790 8.70 -10.75 -37.99
N ASP A 791 8.27 -9.50 -38.20
CA ASP A 791 6.85 -9.10 -38.20
C ASP A 791 6.12 -9.37 -36.88
N ILE A 792 6.89 -9.47 -35.79
CA ILE A 792 6.33 -9.74 -34.46
C ILE A 792 6.03 -8.45 -33.69
N ALA A 793 6.70 -7.36 -34.05
CA ALA A 793 6.44 -6.04 -33.49
C ALA A 793 4.98 -5.64 -33.68
N SER A 794 4.31 -5.30 -32.59
CA SER A 794 2.90 -4.89 -32.65
C SER A 794 2.76 -3.48 -33.22
N LYS A 795 1.60 -3.22 -33.84
CA LYS A 795 1.31 -1.92 -34.44
C LYS A 795 1.15 -0.84 -33.38
N VAL A 796 1.44 0.40 -33.75
CA VAL A 796 1.33 1.55 -32.85
C VAL A 796 -0.12 1.77 -32.40
N ALA A 797 -0.28 2.13 -31.13
CA ALA A 797 -1.60 2.30 -30.49
C ALA A 797 -2.41 0.99 -30.33
N HIS A 798 -1.89 -0.09 -30.92
CA HIS A 798 -2.44 -1.43 -30.71
C HIS A 798 -1.36 -2.33 -30.11
N SER A 799 -0.73 -1.86 -29.03
CA SER A 799 0.32 -2.62 -28.37
C SER A 799 -0.25 -3.85 -27.67
N ALA A 800 0.64 -4.74 -27.24
CA ALA A 800 0.25 -5.98 -26.57
C ALA A 800 -0.56 -5.73 -25.30
N LEU A 801 -0.30 -4.61 -24.64
CA LEU A 801 -0.98 -4.23 -23.40
C LEU A 801 -2.40 -3.72 -23.66
N VAL A 802 -2.58 -3.00 -24.75
CA VAL A 802 -3.88 -2.46 -25.14
C VAL A 802 -4.82 -3.59 -25.58
N GLU A 803 -4.28 -4.55 -26.33
CA GLU A 803 -5.05 -5.69 -26.84
C GLU A 803 -5.68 -6.52 -25.72
N THR A 804 -4.94 -6.72 -24.63
CA THR A 804 -5.46 -7.44 -23.46
C THR A 804 -6.43 -6.59 -22.62
N SER A 805 -6.28 -5.27 -22.68
CA SER A 805 -7.22 -4.35 -22.01
C SER A 805 -8.61 -4.40 -22.65
N ASP A 806 -8.63 -4.41 -23.98
CA ASP A 806 -9.88 -4.47 -24.73
C ASP A 806 -10.52 -5.86 -24.66
N ALA A 807 -9.68 -6.88 -24.49
CA ALA A 807 -10.15 -8.26 -24.39
C ALA A 807 -10.85 -8.55 -23.07
N LEU A 808 -10.50 -7.79 -22.02
CA LEU A 808 -11.01 -8.02 -20.67
C LEU A 808 -12.47 -7.64 -20.45
N GLU A 809 -13.02 -6.84 -21.35
CA GLU A 809 -14.47 -6.62 -21.41
C GLU A 809 -15.03 -6.80 -22.82
N ALA A 810 -15.50 -8.01 -23.11
CA ALA A 810 -16.10 -8.34 -24.39
C ALA A 810 -17.47 -8.98 -24.18
MG MG B . -2.15 9.72 -2.71
MG MG C . 0.48 4.18 -1.20
MG MG D . 4.11 13.53 2.68
#